data_9QTU
#
_entry.id   9QTU
#
_cell.length_a   1.00
_cell.length_b   1.00
_cell.length_c   1.00
_cell.angle_alpha   90.00
_cell.angle_beta   90.00
_cell.angle_gamma   90.00
#
_symmetry.space_group_name_H-M   'P 1'
#
loop_
_entity.id
_entity.type
_entity.pdbx_description
1 polymer 'Isoform 3 of PAN2-PAN3 deadenylation complex subunit PAN3'
2 polymer 'PAN2-PAN3 deadenylation complex catalytic subunit PAN2'
#
loop_
_entity_poly.entity_id
_entity_poly.type
_entity_poly.pdbx_seq_one_letter_code
_entity_poly.pdbx_strand_id
1 'polypeptide(L)'
;MNSGGGLPPPSAAASPSSSSLAAAVAVVAPPGVGGVPGGAAVGVKLKYCRYYAKDKTCFYGEECQFLHEDPAAGAAPGLG
LHSNSVPLALAGAPVAGFPPGAVAGGGAGPPPGPKKPDLGDPGTGAAAGGGGSSGGLDGPRLAIPGMDGGALTDTSLTDS
YFSTSFIGVNGFGSPVETKYPLMQRMTNSSSSPSLLNDSAKPYSAHDPLTSPASSLFNDFGALNISQRRKTPNPTASEFI
PKGGSTSRLSNVSQSNMSAFSQVFSHPSMGSPATAGLAPGMSLSAGSSPLHSPKITPHTSPAPRRRSHTPNPASYMVPSS
ASTSVNNPVSQTPSSGQVIQKETVGGTTYFYTDTTPAPLTGMVFPNYHIYPPTAPHVAYMQPKANAPSFFMADELRQELI
NRHLITMAQIDQADMPAVPTEVDSYHSLFPLEPLPPPNRIQKSSNFGYITSCYKAVNSKDDLPYCLRRIHGFRLVNTKCM
VLVDMWKKIQHSNIVTLREVFTTKAFAEPSLVFAYDFHAGGETMMSRHFNDPNADAYFTKRKWGQHEGPLPRQHAGLLPE
SLIWAYIVQLSSALRTIHTAGLACRVMDPTKILITGKTRLRVNCVGVFDVLTFDNSQNNNPLALMAQYQQADLISLGKVV
LALACNSLAGIQRENLQKAMELVTINYSSDLKNLILYLLTDQNRMRSVNDIMPMIGARFYTQLDAAQMRNDVIEEDLAKE
VQNGRLFRLLAKLGTINERPEFQKDPTWSETGDRYLLKLFRDHLFHQVTEAGAPWIDLSHIISCLNKLDAGVPEKISLIS
RDEKSVLVVTYSDLKRCFENTFQELIAAANGQLSAWSHPQFEKGGGSGGGSGGSAWSHPQFEK
;
A,B
2 'polypeptide(L)'
;MNFEGLDPGLAEYAPAMHSALDPVLDAHLNPSLLQNVELDPEGVALEALPVQESVHIMEGVYSELHSVVAEVGVPVSVSH
FDLHEEMLWVGSHGGHATSFFGPALERYSSFQVNGSDDIRQIQSLENGILFLTKNNLKYMARGGLIIFDYLLDENEDMHS
LLLTDSSTLLVGGLQNHILEIDLNTVQETQKYAVETPGVTIMRQTNRFFFCGHTSGKVSLRDLRTFKVEHEFDAFSGSLS
DFDVHGNLLAACGFSSRLTGLACDRFLKVYDLRMMRAITPLQVHVDPAFLRFIPTYTSRLAIISQSGQCQFCEPTGLANP
ADIFHVNPVGPLLMTFDVSASKQALAFGDSEGCVHLWTDSPEPSFNPYSRETEFALPCLVDSLPPLDWSQDLLPLSLIPV
PLTTDTLLSDWPAANSAPAPRRAPPVDAEILRTMKKVGFIGYAPNPRTRLRNQIPYRLKESDSEFDSFSQVTESPVGREE
EPHLHMVSKKYRKVTIKYSKLGLEDFDFKHYNKTLFAGLEPHIPNAYCNCMIQVLYFLEPVRCLIQNHLCQKEFCLACEL
GFLFHMLDLSRGDPCQGNNFLRAFRTIPEASALGLILADSDEASGKGNLARLIQRWNRFILTQLHQDMQELEIPQAYRGA
GGSSFCSSGDSVIGQLFSCEMENCSLCRCGSETVRASSTLLFTLSYPDGSKSDKTGKNYDFAQVLKRSICLDQNTQAWCD
TCEKYQPTIQTRNIRHLPDILVINCEVNSSKEADFWRMQAEVAFKMAVKKHGGEISKNKEFALADWKELGSPEGVLVCPS
IEELKNVWLPFSIRMKMTKNKGLDVCNWTDGDEMQWGPARAEEEHGVYVYDLMATVVHILDSRTGGSLVAHIKVGETYHQ
RKEGVTHQQWYLFNDFLIEPIDKHEAVQFDMNWKVPAILYYVKRNLNSRYNLNIKNPIEASVLLAEASLARKQRKTHTTF
IPLMLNEMPQIGDLVGLDAEFVTLNEEEAELRSDGTKSTIKPSQMSVARITCVRGQGPNEGIPFIDDYISTQEQVVDYLT
QYSGIKPGDLDAKISSKHLTTLKSTYLKLRFLIDIGVKFVGHGLQKDFRVINLMVPKDQVLDTVYLFHMPRKRMISLRFL
AWYFLDLKIQGETHDSIEDARTALQLYRKYLELSKNGTEPESFHKVLKGLYEKGRKMDWKVPEPEGQTSPKNAAVFSSVL
AL
;
C
#
# COMPACT_ATOMS: atom_id res chain seq x y z
N PRO A 416 -28.72 -31.50 11.07
CA PRO A 416 -29.41 -31.46 12.35
C PRO A 416 -29.33 -32.80 13.09
N ALA A 417 -29.26 -33.89 12.34
CA ALA A 417 -29.14 -35.21 12.97
C ALA A 417 -27.87 -35.32 13.81
N VAL A 418 -26.76 -34.81 13.29
CA VAL A 418 -25.50 -34.76 14.03
C VAL A 418 -25.48 -33.50 14.88
N PRO A 419 -25.21 -33.60 16.17
CA PRO A 419 -25.14 -32.39 17.02
C PRO A 419 -24.03 -31.47 16.55
N THR A 420 -24.42 -30.27 16.11
CA THR A 420 -23.47 -29.36 15.48
C THR A 420 -22.40 -28.88 16.46
N GLU A 421 -22.76 -28.69 17.72
CA GLU A 421 -21.85 -28.10 18.70
C GLU A 421 -21.13 -29.19 19.46
N VAL A 422 -19.81 -29.11 19.50
CA VAL A 422 -18.99 -30.00 20.30
C VAL A 422 -17.88 -29.20 20.97
N ASP A 423 -18.04 -28.91 22.26
CA ASP A 423 -17.06 -28.14 23.01
C ASP A 423 -16.82 -26.77 22.38
N SER A 424 -15.64 -26.58 21.81
CA SER A 424 -15.27 -25.34 21.16
C SER A 424 -15.58 -25.36 19.66
N TYR A 425 -16.17 -26.44 19.16
CA TYR A 425 -16.30 -26.69 17.75
C TYR A 425 -17.73 -26.41 17.29
N HIS A 426 -17.86 -25.81 16.11
CA HIS A 426 -19.16 -25.35 15.63
C HIS A 426 -19.21 -25.42 14.11
N SER A 427 -20.44 -25.34 13.58
CA SER A 427 -20.70 -25.30 12.13
C SER A 427 -20.07 -26.49 11.42
N LEU A 428 -20.57 -27.67 11.77
CA LEU A 428 -20.04 -28.90 11.22
C LEU A 428 -20.63 -29.16 9.83
N PHE A 429 -19.81 -29.74 8.96
CA PHE A 429 -20.24 -30.14 7.63
C PHE A 429 -19.57 -31.47 7.28
N PRO A 430 -20.32 -32.44 6.76
CA PRO A 430 -19.71 -33.73 6.42
C PRO A 430 -18.86 -33.63 5.17
N LEU A 431 -17.68 -34.23 5.23
CA LEU A 431 -16.74 -34.18 4.11
C LEU A 431 -16.77 -35.47 3.28
N GLU A 432 -16.47 -36.60 3.90
CA GLU A 432 -16.44 -37.85 3.19
C GLU A 432 -17.85 -38.42 3.04
N PRO A 433 -18.05 -39.35 2.11
CA PRO A 433 -19.32 -40.09 2.07
C PRO A 433 -19.58 -40.74 3.42
N LEU A 434 -20.63 -40.28 4.08
CA LEU A 434 -20.88 -40.70 5.45
C LEU A 434 -21.34 -42.15 5.49
N PRO A 435 -20.69 -43.01 6.25
CA PRO A 435 -21.23 -44.36 6.46
C PRO A 435 -22.54 -44.28 7.23
N PRO A 436 -23.58 -44.97 6.76
CA PRO A 436 -24.86 -44.89 7.46
C PRO A 436 -24.74 -45.47 8.86
N PRO A 437 -25.55 -44.98 9.80
CA PRO A 437 -25.49 -45.53 11.17
C PRO A 437 -25.82 -47.01 11.23
N ASN A 438 -26.56 -47.53 10.27
CA ASN A 438 -26.89 -48.95 10.21
C ASN A 438 -25.84 -49.79 9.49
N ARG A 439 -24.78 -49.15 8.98
CA ARG A 439 -23.72 -49.88 8.28
C ARG A 439 -22.88 -50.64 9.29
N ILE A 440 -23.20 -51.92 9.49
CA ILE A 440 -22.41 -52.75 10.38
C ILE A 440 -21.00 -53.00 9.81
N GLN A 441 -20.83 -52.81 8.50
CA GLN A 441 -19.53 -53.01 7.87
C GLN A 441 -18.57 -51.91 8.31
N LYS A 442 -17.65 -52.26 9.21
CA LYS A 442 -16.60 -51.32 9.61
C LYS A 442 -15.62 -51.11 8.47
N SER A 443 -14.97 -49.96 8.47
CA SER A 443 -13.93 -49.70 7.49
C SER A 443 -12.77 -50.67 7.67
N SER A 444 -12.32 -51.26 6.56
CA SER A 444 -11.27 -52.26 6.63
C SER A 444 -9.90 -51.68 6.89
N ASN A 445 -9.73 -50.37 6.72
CA ASN A 445 -8.42 -49.77 6.89
C ASN A 445 -8.01 -49.74 8.37
N PHE A 446 -8.97 -49.74 9.28
CA PHE A 446 -8.67 -49.69 10.71
C PHE A 446 -9.47 -50.65 11.57
N GLY A 447 -10.47 -51.34 11.03
CA GLY A 447 -11.27 -52.26 11.81
C GLY A 447 -12.37 -51.65 12.62
N TYR A 448 -12.74 -50.40 12.37
CA TYR A 448 -13.85 -49.76 13.06
C TYR A 448 -14.57 -48.83 12.09
N ILE A 449 -15.73 -48.33 12.50
CA ILE A 449 -16.49 -47.40 11.67
C ILE A 449 -15.96 -45.99 11.89
N THR A 450 -15.73 -45.27 10.79
CA THR A 450 -15.11 -43.97 10.81
C THR A 450 -15.92 -43.00 9.95
N SER A 451 -15.92 -41.73 10.36
CA SER A 451 -16.59 -40.68 9.61
C SER A 451 -15.77 -39.40 9.68
N CYS A 452 -15.92 -38.54 8.68
CA CYS A 452 -15.08 -37.36 8.56
C CYS A 452 -15.93 -36.11 8.39
N TYR A 453 -15.53 -35.04 9.10
CA TYR A 453 -16.28 -33.79 9.13
C TYR A 453 -15.28 -32.66 9.32
N LYS A 454 -15.77 -31.43 9.23
CA LYS A 454 -14.97 -30.25 9.51
C LYS A 454 -15.69 -29.34 10.51
N ALA A 455 -14.92 -28.67 11.38
CA ALA A 455 -15.48 -27.76 12.35
C ALA A 455 -14.51 -26.61 12.57
N VAL A 456 -14.92 -25.64 13.40
CA VAL A 456 -14.12 -24.46 13.71
C VAL A 456 -13.91 -24.37 15.22
N ASN A 457 -12.70 -24.07 15.64
CA ASN A 457 -12.36 -23.95 17.05
C ASN A 457 -12.61 -22.53 17.52
N SER A 458 -13.25 -22.39 18.69
CA SER A 458 -13.47 -21.08 19.28
C SER A 458 -12.28 -20.60 20.11
N LYS A 459 -11.39 -21.51 20.49
CA LYS A 459 -10.23 -21.12 21.28
C LYS A 459 -9.28 -20.25 20.48
N ASP A 460 -9.09 -20.56 19.20
CA ASP A 460 -8.12 -19.88 18.37
C ASP A 460 -8.68 -19.43 17.03
N ASP A 461 -9.98 -19.61 16.79
CA ASP A 461 -10.61 -19.24 15.52
C ASP A 461 -9.93 -19.94 14.34
N LEU A 462 -9.56 -21.20 14.53
CA LEU A 462 -8.91 -21.93 13.47
C LEU A 462 -9.74 -23.14 13.07
N PRO A 463 -9.78 -23.49 11.79
CA PRO A 463 -10.60 -24.64 11.37
C PRO A 463 -9.86 -25.95 11.54
N TYR A 464 -10.59 -26.96 12.02
CA TYR A 464 -10.04 -28.28 12.22
C TYR A 464 -10.94 -29.38 11.68
N CYS A 465 -10.41 -30.18 10.76
CA CYS A 465 -11.15 -31.35 10.32
C CYS A 465 -11.13 -32.37 11.46
N LEU A 466 -12.22 -33.11 11.57
CA LEU A 466 -12.37 -34.08 12.64
C LEU A 466 -12.67 -35.45 12.08
N ARG A 467 -12.08 -36.45 12.72
CA ARG A 467 -12.27 -37.87 12.39
C ARG A 467 -12.95 -38.54 13.57
N ARG A 468 -14.12 -39.12 13.33
CA ARG A 468 -14.94 -39.74 14.36
C ARG A 468 -14.93 -41.25 14.26
N ILE A 469 -14.63 -41.91 15.38
CA ILE A 469 -14.68 -43.35 15.47
C ILE A 469 -16.06 -43.74 16.01
N HIS A 470 -16.44 -45.00 15.79
CA HIS A 470 -17.74 -45.49 16.22
C HIS A 470 -17.54 -46.64 17.20
N GLY A 471 -18.24 -46.59 18.32
CA GLY A 471 -18.29 -47.69 19.25
C GLY A 471 -16.98 -48.01 19.93
N PHE A 472 -15.95 -47.19 19.75
CA PHE A 472 -14.67 -47.44 20.38
C PHE A 472 -14.58 -46.68 21.70
N ARG A 473 -13.94 -47.31 22.68
CA ARG A 473 -13.82 -46.77 24.02
C ARG A 473 -12.36 -46.53 24.35
N LEU A 474 -12.06 -45.35 24.88
CA LEU A 474 -10.72 -45.05 25.37
C LEU A 474 -10.49 -45.82 26.66
N VAL A 475 -9.69 -46.88 26.59
CA VAL A 475 -9.49 -47.76 27.72
C VAL A 475 -8.31 -47.32 28.59
N ASN A 476 -7.13 -47.17 28.00
CA ASN A 476 -5.91 -46.89 28.75
C ASN A 476 -5.38 -45.51 28.38
N THR A 477 -4.78 -44.84 29.37
CA THR A 477 -4.31 -43.47 29.22
C THR A 477 -2.83 -43.36 28.84
N LYS A 478 -2.10 -44.48 28.78
CA LYS A 478 -0.66 -44.41 28.56
C LYS A 478 -0.31 -43.81 27.19
N CYS A 479 -1.18 -43.99 26.20
CA CYS A 479 -0.93 -43.55 24.82
C CYS A 479 -0.63 -42.06 24.72
N MET A 480 -1.04 -41.25 25.69
CA MET A 480 -0.82 -39.81 25.59
C MET A 480 0.65 -39.44 25.46
N VAL A 481 1.59 -40.27 25.91
CA VAL A 481 3.00 -39.96 25.67
C VAL A 481 3.29 -39.95 24.18
N LEU A 482 2.84 -40.97 23.47
CA LEU A 482 3.01 -41.02 22.03
C LEU A 482 2.22 -39.92 21.33
N VAL A 483 1.03 -39.60 21.84
CA VAL A 483 0.27 -38.49 21.28
C VAL A 483 1.03 -37.17 21.47
N ASP A 484 1.70 -37.01 22.61
CA ASP A 484 2.56 -35.85 22.83
C ASP A 484 3.68 -35.81 21.82
N MET A 485 4.27 -36.97 21.51
CA MET A 485 5.29 -37.00 20.46
C MET A 485 4.70 -36.62 19.11
N TRP A 486 3.47 -37.09 18.84
CA TRP A 486 2.81 -36.73 17.59
C TRP A 486 2.66 -35.22 17.47
N LYS A 487 2.20 -34.57 18.54
CA LYS A 487 2.05 -33.12 18.55
C LYS A 487 3.40 -32.41 18.46
N LYS A 488 4.46 -33.01 19.00
CA LYS A 488 5.79 -32.42 18.86
C LYS A 488 6.35 -32.65 17.47
N ILE A 489 5.76 -33.55 16.69
CA ILE A 489 6.20 -33.83 15.33
C ILE A 489 5.42 -32.95 14.36
N GLN A 490 6.15 -32.20 13.54
CA GLN A 490 5.55 -31.36 12.50
C GLN A 490 6.31 -31.54 11.20
N HIS A 491 5.58 -31.58 10.08
CA HIS A 491 6.22 -31.67 8.78
C HIS A 491 5.30 -31.18 7.68
N SER A 492 5.92 -30.75 6.58
CA SER A 492 5.19 -30.19 5.46
C SER A 492 4.28 -31.21 4.81
N ASN A 493 4.78 -32.42 4.58
CA ASN A 493 4.03 -33.44 3.87
C ASN A 493 3.31 -34.38 4.82
N ILE A 494 3.17 -33.99 6.07
CA ILE A 494 2.38 -34.75 7.03
C ILE A 494 1.20 -33.89 7.48
N VAL A 495 0.05 -34.52 7.63
CA VAL A 495 -1.08 -33.88 8.28
C VAL A 495 -0.84 -34.03 9.78
N THR A 496 -0.28 -32.99 10.40
CA THR A 496 0.21 -33.07 11.76
C THR A 496 -0.93 -33.39 12.73
N LEU A 497 -0.63 -34.22 13.74
CA LEU A 497 -1.58 -34.55 14.79
C LEU A 497 -1.62 -33.44 15.83
N ARG A 498 -2.79 -32.81 15.97
CA ARG A 498 -3.02 -31.74 16.93
C ARG A 498 -3.77 -32.23 18.16
N GLU A 499 -4.96 -32.82 18.03
CA GLU A 499 -5.47 -33.38 19.28
C GLU A 499 -6.42 -34.53 19.05
N VAL A 500 -6.67 -35.26 20.13
CA VAL A 500 -7.57 -36.40 20.17
C VAL A 500 -8.38 -36.31 21.45
N PHE A 501 -9.65 -36.68 21.39
CA PHE A 501 -10.46 -36.56 22.60
C PHE A 501 -11.70 -37.44 22.50
N THR A 502 -12.41 -37.52 23.62
CA THR A 502 -13.62 -38.30 23.78
C THR A 502 -14.83 -37.38 23.67
N THR A 503 -15.91 -37.91 23.09
CA THR A 503 -17.15 -37.15 22.95
C THR A 503 -18.33 -38.04 23.28
N LYS A 504 -19.40 -37.40 23.78
CA LYS A 504 -20.62 -38.09 24.13
C LYS A 504 -21.88 -37.45 23.56
N ALA A 505 -21.81 -36.22 23.05
CA ALA A 505 -22.98 -35.54 22.50
C ALA A 505 -23.57 -36.28 21.32
N PHE A 506 -22.80 -37.18 20.71
CA PHE A 506 -23.26 -37.96 19.57
C PHE A 506 -24.17 -39.08 20.04
N ALA A 507 -24.64 -39.89 19.08
CA ALA A 507 -25.50 -41.01 19.43
C ALA A 507 -24.76 -42.03 20.29
N GLU A 508 -23.45 -42.09 20.17
CA GLU A 508 -22.64 -43.06 20.89
C GLU A 508 -21.40 -42.35 21.44
N PRO A 509 -20.78 -42.91 22.48
CA PRO A 509 -19.46 -42.39 22.90
C PRO A 509 -18.44 -42.65 21.81
N SER A 510 -17.76 -41.58 21.38
CA SER A 510 -16.86 -41.66 20.23
C SER A 510 -15.53 -40.99 20.55
N LEU A 511 -14.55 -41.28 19.69
CA LEU A 511 -13.24 -40.66 19.73
C LEU A 511 -13.05 -39.80 18.49
N VAL A 512 -12.72 -38.53 18.69
CA VAL A 512 -12.54 -37.58 17.62
C VAL A 512 -11.09 -37.12 17.59
N PHE A 513 -10.47 -37.24 16.42
CA PHE A 513 -9.15 -36.70 16.14
C PHE A 513 -9.34 -35.37 15.40
N ALA A 514 -8.82 -34.29 15.95
CA ALA A 514 -8.88 -32.99 15.30
C ALA A 514 -7.53 -32.62 14.70
N TYR A 515 -7.49 -32.55 13.37
CA TYR A 515 -6.41 -32.06 12.54
C TYR A 515 -6.85 -30.73 11.93
N ASP A 516 -5.95 -30.05 11.24
CA ASP A 516 -6.40 -29.02 10.29
C ASP A 516 -7.04 -29.67 9.06
N PHE A 517 -7.64 -28.84 8.21
CA PHE A 517 -8.17 -29.26 6.91
C PHE A 517 -7.33 -28.66 5.79
N HIS A 518 -7.06 -29.46 4.76
CA HIS A 518 -6.39 -28.99 3.55
C HIS A 518 -7.31 -29.28 2.36
N ALA A 519 -7.98 -28.24 1.86
CA ALA A 519 -8.91 -28.42 0.75
C ALA A 519 -8.18 -28.89 -0.51
N GLY A 520 -8.90 -29.64 -1.34
CA GLY A 520 -8.32 -30.16 -2.56
C GLY A 520 -7.46 -31.39 -2.40
N GLY A 521 -7.36 -31.96 -1.20
CA GLY A 521 -6.59 -33.18 -1.02
C GLY A 521 -7.24 -34.34 -1.75
N GLU A 522 -6.45 -35.09 -2.51
CA GLU A 522 -6.96 -36.17 -3.33
C GLU A 522 -6.05 -37.38 -3.20
N THR A 523 -6.65 -38.54 -2.95
CA THR A 523 -5.89 -39.75 -2.66
C THR A 523 -5.23 -40.31 -3.92
N MET A 524 -4.29 -41.22 -3.68
CA MET A 524 -3.50 -41.77 -4.76
C MET A 524 -4.36 -42.59 -5.71
N MET A 525 -5.30 -43.39 -5.19
CA MET A 525 -6.30 -44.06 -6.02
C MET A 525 -7.07 -43.08 -6.88
N SER A 526 -7.65 -42.05 -6.26
CA SER A 526 -8.54 -41.16 -7.00
C SER A 526 -7.78 -40.39 -8.06
N ARG A 527 -6.48 -40.18 -7.84
CA ARG A 527 -5.75 -39.39 -8.81
C ARG A 527 -5.11 -40.25 -9.89
N HIS A 528 -4.61 -41.44 -9.52
CA HIS A 528 -3.81 -42.25 -10.43
C HIS A 528 -4.20 -43.73 -10.47
N PHE A 529 -5.21 -44.15 -9.73
CA PHE A 529 -5.61 -45.55 -9.70
C PHE A 529 -7.11 -45.71 -9.81
N ASN A 530 -7.77 -44.76 -10.46
CA ASN A 530 -9.21 -44.80 -10.65
C ASN A 530 -9.61 -45.45 -11.96
N ASP A 531 -8.65 -45.87 -12.77
CA ASP A 531 -8.93 -46.47 -14.07
C ASP A 531 -8.72 -47.97 -13.98
N PRO A 532 -9.75 -48.79 -14.20
CA PRO A 532 -9.55 -50.25 -14.20
C PRO A 532 -8.62 -50.72 -15.30
N ASN A 533 -8.44 -49.93 -16.36
CA ASN A 533 -7.56 -50.35 -17.45
C ASN A 533 -6.10 -50.37 -17.01
N ALA A 534 -5.74 -49.60 -15.98
CA ALA A 534 -4.39 -49.68 -15.44
C ALA A 534 -4.16 -51.02 -14.75
N ASP A 535 -5.20 -51.59 -14.14
CA ASP A 535 -5.11 -52.89 -13.50
C ASP A 535 -5.30 -54.02 -14.50
N ALA A 536 -5.86 -53.70 -15.68
CA ALA A 536 -6.29 -54.72 -16.61
C ALA A 536 -5.13 -55.58 -17.10
N TYR A 537 -3.91 -55.04 -17.13
CA TYR A 537 -2.77 -55.85 -17.54
C TYR A 537 -2.55 -57.00 -16.58
N PHE A 538 -2.61 -56.74 -15.28
CA PHE A 538 -2.40 -57.81 -14.31
C PHE A 538 -3.61 -58.72 -14.24
N THR A 539 -4.81 -58.15 -14.33
CA THR A 539 -6.01 -58.97 -14.17
C THR A 539 -6.27 -59.84 -15.39
N LYS A 540 -5.78 -59.43 -16.56
CA LYS A 540 -5.99 -60.21 -17.77
C LYS A 540 -5.07 -61.42 -17.79
N ARG A 541 -5.60 -62.56 -18.20
CA ARG A 541 -4.85 -63.80 -18.34
C ARG A 541 -4.87 -64.21 -19.80
N LYS A 542 -3.70 -64.52 -20.35
CA LYS A 542 -3.62 -64.97 -21.73
C LYS A 542 -3.97 -66.45 -21.78
N TRP A 543 -5.19 -66.75 -22.23
CA TRP A 543 -5.73 -68.10 -22.22
C TRP A 543 -5.26 -68.84 -23.47
N GLY A 544 -4.12 -69.52 -23.33
CA GLY A 544 -3.54 -70.24 -24.46
C GLY A 544 -3.12 -69.34 -25.60
N GLN A 545 -2.76 -68.10 -25.31
CA GLN A 545 -2.31 -67.14 -26.31
C GLN A 545 -0.86 -66.78 -26.02
N HIS A 546 -0.04 -66.73 -27.08
CA HIS A 546 1.34 -66.36 -26.92
C HIS A 546 1.45 -64.92 -26.40
N GLU A 547 2.27 -64.73 -25.36
CA GLU A 547 2.43 -63.43 -24.74
C GLU A 547 3.43 -62.61 -25.55
N GLY A 548 2.93 -61.62 -26.29
CA GLY A 548 3.77 -60.78 -27.10
C GLY A 548 4.58 -59.80 -26.27
N PRO A 549 5.53 -59.12 -26.90
CA PRO A 549 6.34 -58.14 -26.16
C PRO A 549 5.50 -57.03 -25.57
N LEU A 550 5.83 -56.66 -24.34
CA LEU A 550 5.12 -55.61 -23.62
C LEU A 550 5.55 -54.24 -24.13
N PRO A 551 4.61 -53.30 -24.28
CA PRO A 551 4.96 -51.98 -24.83
C PRO A 551 5.91 -51.23 -23.91
N ARG A 552 7.13 -51.00 -24.40
CA ARG A 552 8.11 -50.24 -23.63
C ARG A 552 7.58 -48.86 -23.27
N GLN A 553 6.70 -48.30 -24.11
CA GLN A 553 5.94 -47.11 -23.76
C GLN A 553 4.51 -47.57 -23.46
N HIS A 554 4.29 -47.99 -22.21
CA HIS A 554 2.95 -48.34 -21.78
C HIS A 554 2.10 -47.09 -21.73
N ALA A 555 0.94 -47.13 -22.38
CA ALA A 555 0.05 -45.97 -22.37
C ALA A 555 -0.35 -45.61 -20.95
N GLY A 556 -0.21 -44.34 -20.61
CA GLY A 556 -0.51 -43.89 -19.26
C GLY A 556 0.66 -43.89 -18.31
N LEU A 557 1.87 -44.23 -18.78
CA LEU A 557 3.03 -44.25 -17.90
C LEU A 557 3.38 -42.84 -17.43
N LEU A 558 3.56 -42.69 -16.13
CA LEU A 558 3.94 -41.41 -15.57
C LEU A 558 5.41 -41.10 -15.89
N PRO A 559 5.76 -39.82 -15.96
CA PRO A 559 7.18 -39.46 -15.97
C PRO A 559 7.84 -40.01 -14.72
N GLU A 560 8.98 -40.69 -14.92
CA GLU A 560 9.66 -41.33 -13.80
C GLU A 560 10.03 -40.31 -12.73
N SER A 561 10.20 -39.05 -13.12
CA SER A 561 10.50 -37.99 -12.17
C SER A 561 9.40 -37.85 -11.12
N LEU A 562 8.14 -37.97 -11.53
CA LEU A 562 7.06 -37.91 -10.54
C LEU A 562 7.18 -39.03 -9.52
N ILE A 563 7.47 -40.23 -10.00
CA ILE A 563 7.70 -41.35 -9.09
C ILE A 563 8.84 -41.02 -8.15
N TRP A 564 9.92 -40.47 -8.70
CA TRP A 564 11.08 -40.14 -7.89
C TRP A 564 10.72 -39.13 -6.82
N ALA A 565 9.91 -38.13 -7.18
CA ALA A 565 9.48 -37.12 -6.23
C ALA A 565 8.66 -37.71 -5.11
N TYR A 566 7.70 -38.57 -5.46
CA TYR A 566 6.90 -39.23 -4.45
C TYR A 566 7.79 -40.03 -3.52
N ILE A 567 8.78 -40.72 -4.08
CA ILE A 567 9.72 -41.50 -3.28
C ILE A 567 10.47 -40.58 -2.34
N VAL A 568 10.94 -39.45 -2.85
CA VAL A 568 11.66 -38.49 -2.02
C VAL A 568 10.81 -38.07 -0.83
N GLN A 569 9.56 -37.73 -1.09
CA GLN A 569 8.69 -37.25 -0.03
C GLN A 569 8.45 -38.34 1.02
N LEU A 570 8.07 -39.53 0.57
CA LEU A 570 7.79 -40.59 1.53
C LEU A 570 9.04 -40.98 2.31
N SER A 571 10.19 -41.01 1.64
CA SER A 571 11.43 -41.36 2.32
C SER A 571 11.78 -40.32 3.37
N SER A 572 11.61 -39.04 3.06
CA SER A 572 11.85 -38.01 4.06
C SER A 572 10.90 -38.16 5.23
N ALA A 573 9.63 -38.49 4.95
CA ALA A 573 8.67 -38.70 6.03
C ALA A 573 9.12 -39.84 6.94
N LEU A 574 9.52 -40.95 6.34
CA LEU A 574 10.00 -42.09 7.13
C LEU A 574 11.23 -41.71 7.92
N ARG A 575 12.14 -40.94 7.32
CA ARG A 575 13.34 -40.51 8.03
C ARG A 575 12.98 -39.71 9.26
N THR A 576 12.09 -38.73 9.10
CA THR A 576 11.74 -37.88 10.22
C THR A 576 11.06 -38.68 11.32
N ILE A 577 10.15 -39.60 10.94
CA ILE A 577 9.44 -40.35 11.96
C ILE A 577 10.38 -41.30 12.69
N HIS A 578 11.32 -41.93 11.97
CA HIS A 578 12.24 -42.83 12.65
C HIS A 578 13.22 -42.06 13.52
N THR A 579 13.59 -40.84 13.10
CA THR A 579 14.39 -40.00 13.97
C THR A 579 13.65 -39.65 15.24
N ALA A 580 12.35 -39.36 15.11
CA ALA A 580 11.53 -39.15 16.29
C ALA A 580 11.32 -40.44 17.07
N GLY A 581 11.60 -41.59 16.46
CA GLY A 581 11.42 -42.86 17.12
C GLY A 581 9.96 -43.25 17.19
N LEU A 582 9.26 -43.12 16.07
CA LEU A 582 7.86 -43.49 15.97
C LEU A 582 7.64 -44.28 14.69
N ALA A 583 6.44 -44.85 14.56
CA ALA A 583 6.10 -45.69 13.41
C ALA A 583 4.78 -45.22 12.82
N CYS A 584 4.79 -44.95 11.51
CA CYS A 584 3.60 -44.47 10.85
C CYS A 584 2.54 -45.55 10.75
N ARG A 585 2.92 -46.74 10.29
CA ARG A 585 2.00 -47.87 10.11
C ARG A 585 0.79 -47.47 9.26
N VAL A 586 0.96 -46.47 8.40
CA VAL A 586 -0.12 -45.98 7.56
C VAL A 586 0.34 -45.83 6.12
N MET A 587 1.28 -46.67 5.69
CA MET A 587 1.80 -46.60 4.33
C MET A 587 0.80 -47.27 3.40
N ASP A 588 -0.17 -46.49 2.97
CA ASP A 588 -1.20 -46.95 2.06
C ASP A 588 -1.64 -45.77 1.22
N PRO A 589 -1.71 -45.92 -0.11
CA PRO A 589 -2.17 -44.81 -0.95
C PRO A 589 -3.47 -44.17 -0.49
N THR A 590 -4.31 -44.91 0.23
CA THR A 590 -5.53 -44.33 0.78
C THR A 590 -5.26 -43.17 1.72
N LYS A 591 -4.08 -43.13 2.33
CA LYS A 591 -3.76 -42.13 3.34
C LYS A 591 -2.71 -41.13 2.87
N ILE A 592 -2.71 -40.80 1.58
CA ILE A 592 -1.85 -39.75 1.06
C ILE A 592 -2.68 -38.86 0.14
N LEU A 593 -2.59 -37.55 0.36
CA LEU A 593 -3.32 -36.58 -0.43
C LEU A 593 -2.33 -35.72 -1.21
N ILE A 594 -2.50 -35.65 -2.52
CA ILE A 594 -1.62 -34.86 -3.35
C ILE A 594 -2.18 -33.45 -3.51
N THR A 595 -1.94 -32.59 -2.52
CA THR A 595 -2.33 -31.20 -2.64
C THR A 595 -1.62 -30.56 -3.84
N GLY A 596 -2.37 -29.80 -4.63
CA GLY A 596 -1.79 -29.23 -5.83
C GLY A 596 -1.46 -30.32 -6.82
N LYS A 597 -0.21 -30.36 -7.26
CA LYS A 597 0.25 -31.34 -8.26
C LYS A 597 1.19 -32.38 -7.71
N THR A 598 2.13 -31.99 -6.84
CA THR A 598 3.12 -32.92 -6.32
C THR A 598 3.17 -32.99 -4.81
N ARG A 599 2.81 -31.91 -4.11
CA ARG A 599 2.85 -31.91 -2.66
C ARG A 599 2.02 -33.05 -2.10
N LEU A 600 2.60 -33.82 -1.19
CA LEU A 600 1.95 -35.00 -0.64
C LEU A 600 1.60 -34.75 0.82
N ARG A 601 0.58 -35.46 1.30
CA ARG A 601 0.15 -35.33 2.69
C ARG A 601 -0.20 -36.71 3.23
N VAL A 602 0.63 -37.23 4.13
CA VAL A 602 0.31 -38.48 4.80
C VAL A 602 -0.82 -38.22 5.80
N ASN A 603 -1.62 -39.26 6.03
CA ASN A 603 -2.87 -39.10 6.76
C ASN A 603 -2.98 -40.11 7.88
N CYS A 604 -3.97 -39.89 8.74
CA CYS A 604 -4.35 -40.84 9.78
C CYS A 604 -3.17 -41.21 10.68
N VAL A 605 -2.58 -40.19 11.28
CA VAL A 605 -1.44 -40.36 12.16
C VAL A 605 -1.95 -40.65 13.57
N GLY A 606 -1.46 -41.75 14.16
CA GLY A 606 -1.84 -42.13 15.51
C GLY A 606 -3.13 -42.92 15.63
N VAL A 607 -3.88 -43.07 14.55
CA VAL A 607 -5.17 -43.76 14.64
C VAL A 607 -4.96 -45.24 14.94
N PHE A 608 -4.04 -45.91 14.24
CA PHE A 608 -3.69 -47.26 14.66
C PHE A 608 -2.94 -47.24 15.98
N ASP A 609 -2.26 -46.14 16.29
CA ASP A 609 -1.56 -46.02 17.57
C ASP A 609 -2.51 -46.15 18.73
N VAL A 610 -3.75 -45.70 18.56
CA VAL A 610 -4.73 -45.78 19.63
C VAL A 610 -5.63 -46.99 19.47
N LEU A 611 -6.02 -47.34 18.24
CA LEU A 611 -6.91 -48.48 18.04
C LEU A 611 -6.25 -49.79 18.46
N THR A 612 -5.01 -50.03 18.02
CA THR A 612 -4.33 -51.26 18.39
C THR A 612 -3.42 -51.07 19.59
N PHE A 613 -3.58 -49.96 20.31
CA PHE A 613 -2.82 -49.74 21.52
C PHE A 613 -3.11 -50.85 22.52
N ASP A 614 -2.06 -51.39 23.12
CA ASP A 614 -2.18 -52.49 24.07
C ASP A 614 -1.21 -52.24 25.21
N ASN A 615 -1.52 -52.83 26.36
CA ASN A 615 -0.62 -52.81 27.50
C ASN A 615 0.04 -54.15 27.72
N SER A 616 -0.21 -55.12 26.84
CA SER A 616 0.36 -56.46 26.99
C SER A 616 1.88 -56.47 26.92
N GLN A 617 2.48 -55.45 26.32
CA GLN A 617 3.93 -55.43 26.13
C GLN A 617 4.68 -54.94 27.36
N ASN A 618 4.36 -55.50 28.53
CA ASN A 618 5.05 -55.22 29.79
C ASN A 618 5.20 -53.71 30.03
N ASN A 619 4.11 -52.99 29.80
CA ASN A 619 4.07 -51.54 30.03
C ASN A 619 5.19 -50.79 29.32
N ASN A 620 5.72 -51.37 28.24
CA ASN A 620 6.77 -50.74 27.43
C ASN A 620 6.36 -50.80 25.98
N PRO A 621 5.64 -49.78 25.50
CA PRO A 621 5.14 -49.79 24.11
C PRO A 621 6.23 -49.86 23.05
N LEU A 622 7.47 -49.50 23.38
CA LEU A 622 8.55 -49.44 22.40
C LEU A 622 9.06 -50.80 21.95
N ALA A 623 8.43 -51.90 22.36
CA ALA A 623 8.92 -53.22 21.98
C ALA A 623 8.78 -53.46 20.48
N LEU A 624 7.65 -53.07 19.90
CA LEU A 624 7.31 -53.44 18.53
C LEU A 624 7.67 -52.37 17.52
N MET A 625 8.41 -51.35 17.92
CA MET A 625 8.67 -50.22 17.03
C MET A 625 9.47 -50.65 15.81
N ALA A 626 10.50 -51.47 16.01
CA ALA A 626 11.31 -51.95 14.89
C ALA A 626 10.48 -52.80 13.95
N GLN A 627 9.63 -53.67 14.49
CA GLN A 627 8.75 -54.46 13.64
C GLN A 627 7.81 -53.57 12.85
N TYR A 628 7.27 -52.55 13.49
CA TYR A 628 6.38 -51.65 12.76
C TYR A 628 7.14 -50.90 11.69
N GLN A 629 8.40 -50.54 11.95
CA GLN A 629 9.21 -49.87 10.94
C GLN A 629 9.50 -50.76 9.74
N GLN A 630 9.85 -52.03 10.00
CA GLN A 630 10.08 -52.93 8.87
C GLN A 630 8.80 -53.15 8.08
N ALA A 631 7.66 -53.28 8.77
CA ALA A 631 6.40 -53.36 8.06
C ALA A 631 6.15 -52.10 7.24
N ASP A 632 6.53 -50.94 7.78
CA ASP A 632 6.41 -49.69 7.05
C ASP A 632 7.20 -49.75 5.76
N LEU A 633 8.44 -50.18 5.83
CA LEU A 633 9.28 -50.19 4.65
C LEU A 633 8.82 -51.23 3.63
N ILE A 634 8.38 -52.41 4.08
CA ILE A 634 7.87 -53.40 3.13
C ILE A 634 6.62 -52.88 2.44
N SER A 635 5.72 -52.26 3.21
CA SER A 635 4.54 -51.67 2.60
C SER A 635 4.94 -50.58 1.64
N LEU A 636 5.97 -49.81 1.97
CA LEU A 636 6.47 -48.78 1.07
C LEU A 636 6.95 -49.38 -0.23
N GLY A 637 7.69 -50.48 -0.16
CA GLY A 637 8.13 -51.12 -1.37
C GLY A 637 6.96 -51.57 -2.22
N LYS A 638 5.95 -52.16 -1.60
CA LYS A 638 4.77 -52.56 -2.35
C LYS A 638 4.07 -51.35 -2.98
N VAL A 639 3.94 -50.27 -2.22
CA VAL A 639 3.29 -49.07 -2.75
C VAL A 639 4.09 -48.49 -3.91
N VAL A 640 5.41 -48.41 -3.77
CA VAL A 640 6.22 -47.85 -4.84
C VAL A 640 6.12 -48.72 -6.08
N LEU A 641 6.10 -50.04 -5.90
CA LEU A 641 5.92 -50.92 -7.03
C LEU A 641 4.57 -50.70 -7.69
N ALA A 642 3.53 -50.55 -6.89
CA ALA A 642 2.21 -50.23 -7.44
C ALA A 642 2.24 -48.92 -8.19
N LEU A 643 2.98 -47.95 -7.67
CA LEU A 643 3.13 -46.68 -8.36
C LEU A 643 3.80 -46.87 -9.70
N ALA A 644 4.85 -47.69 -9.73
CA ALA A 644 5.55 -47.97 -10.97
C ALA A 644 4.64 -48.64 -11.98
N CYS A 645 3.81 -49.56 -11.50
CA CYS A 645 2.89 -50.29 -12.36
C CYS A 645 1.60 -49.52 -12.60
N ASN A 646 1.47 -48.32 -12.01
CA ASN A 646 0.25 -47.54 -11.97
C ASN A 646 -0.96 -48.42 -11.73
N SER A 647 -0.78 -49.44 -10.90
CA SER A 647 -1.81 -50.45 -10.66
C SER A 647 -1.47 -51.20 -9.38
N LEU A 648 -2.41 -51.25 -8.44
CA LEU A 648 -2.19 -51.98 -7.19
C LEU A 648 -2.11 -53.49 -7.42
N ALA A 649 -2.61 -53.97 -8.56
CA ALA A 649 -2.61 -55.40 -8.84
C ALA A 649 -1.21 -55.97 -9.00
N GLY A 650 -0.19 -55.13 -9.15
CA GLY A 650 1.17 -55.61 -9.30
C GLY A 650 1.83 -56.04 -8.01
N ILE A 651 1.37 -55.52 -6.86
CA ILE A 651 2.03 -55.79 -5.59
C ILE A 651 1.76 -57.18 -5.06
N GLN A 652 0.86 -57.93 -5.69
CA GLN A 652 0.55 -59.27 -5.24
C GLN A 652 1.74 -60.20 -5.43
N ARG A 653 1.84 -61.21 -4.57
CA ARG A 653 2.95 -62.15 -4.65
C ARG A 653 2.96 -62.88 -5.99
N GLU A 654 1.78 -63.15 -6.53
CA GLU A 654 1.69 -63.84 -7.81
C GLU A 654 2.25 -62.99 -8.95
N ASN A 655 2.09 -61.67 -8.88
CA ASN A 655 2.57 -60.76 -9.91
C ASN A 655 3.86 -60.06 -9.54
N LEU A 656 4.57 -60.52 -8.50
CA LEU A 656 5.82 -59.89 -8.13
C LEU A 656 6.83 -59.97 -9.27
N GLN A 657 6.94 -61.13 -9.92
CA GLN A 657 7.94 -61.28 -10.98
C GLN A 657 7.52 -60.51 -12.23
N LYS A 658 6.21 -60.49 -12.51
CA LYS A 658 5.72 -59.68 -13.62
C LYS A 658 6.03 -58.21 -13.40
N ALA A 659 5.85 -57.73 -12.17
CA ALA A 659 6.21 -56.35 -11.84
C ALA A 659 7.72 -56.13 -11.98
N MET A 660 8.52 -57.10 -11.54
CA MET A 660 9.97 -56.96 -11.65
C MET A 660 10.39 -56.83 -13.10
N GLU A 661 9.83 -57.67 -13.98
CA GLU A 661 10.21 -57.59 -15.39
C GLU A 661 9.68 -56.34 -16.05
N LEU A 662 8.51 -55.84 -15.61
CA LEU A 662 8.05 -54.56 -16.11
C LEU A 662 9.00 -53.44 -15.72
N VAL A 663 9.49 -53.46 -14.47
CA VAL A 663 10.48 -52.50 -14.04
C VAL A 663 11.73 -52.59 -14.89
N THR A 664 12.17 -53.81 -15.19
CA THR A 664 13.33 -54.00 -16.03
C THR A 664 13.11 -53.40 -17.41
N ILE A 665 11.95 -53.66 -18.00
CA ILE A 665 11.67 -53.18 -19.35
C ILE A 665 11.59 -51.67 -19.40
N ASN A 666 10.90 -51.06 -18.44
CA ASN A 666 10.55 -49.66 -18.55
C ASN A 666 11.55 -48.73 -17.87
N TYR A 667 11.93 -49.02 -16.64
CA TYR A 667 12.58 -48.03 -15.79
C TYR A 667 14.02 -48.43 -15.50
N SER A 668 14.71 -47.53 -14.83
CA SER A 668 16.16 -47.58 -14.75
C SER A 668 16.64 -48.63 -13.75
N SER A 669 17.93 -48.94 -13.86
CA SER A 669 18.58 -49.81 -12.90
C SER A 669 18.49 -49.26 -11.49
N ASP A 670 18.40 -47.93 -11.36
CA ASP A 670 18.24 -47.36 -10.02
C ASP A 670 16.96 -47.85 -9.37
N LEU A 671 15.85 -47.76 -10.10
CA LEU A 671 14.57 -48.22 -9.58
C LEU A 671 14.60 -49.74 -9.40
N LYS A 672 15.29 -50.43 -10.31
CA LYS A 672 15.46 -51.86 -10.21
C LYS A 672 16.08 -52.24 -8.87
N ASN A 673 17.29 -51.72 -8.61
CA ASN A 673 17.97 -51.98 -7.35
C ASN A 673 17.11 -51.57 -6.16
N LEU A 674 16.38 -50.46 -6.28
CA LEU A 674 15.45 -50.07 -5.22
C LEU A 674 14.52 -51.22 -4.86
N ILE A 675 13.72 -51.64 -5.84
CA ILE A 675 12.73 -52.68 -5.58
C ILE A 675 13.41 -53.96 -5.14
N LEU A 676 14.60 -54.26 -5.65
CA LEU A 676 15.31 -55.44 -5.18
C LEU A 676 15.65 -55.32 -3.70
N TYR A 677 16.40 -54.28 -3.35
CA TYR A 677 16.80 -54.00 -1.97
C TYR A 677 15.63 -54.03 -1.01
N LEU A 678 14.45 -53.64 -1.45
CA LEU A 678 13.32 -53.58 -0.52
C LEU A 678 12.45 -54.84 -0.57
N LEU A 679 11.86 -55.14 -1.73
CA LEU A 679 11.00 -56.31 -1.85
C LEU A 679 11.73 -57.57 -1.41
N THR A 680 12.94 -57.78 -1.90
CA THR A 680 13.78 -58.88 -1.44
C THR A 680 14.54 -58.35 -0.23
N ASP A 681 14.08 -58.71 0.96
CA ASP A 681 14.64 -58.16 2.18
C ASP A 681 16.10 -58.54 2.32
N GLN A 682 16.84 -57.66 2.98
CA GLN A 682 18.25 -57.92 3.29
C GLN A 682 18.41 -58.62 4.62
N ASN A 683 17.35 -59.25 5.13
CA ASN A 683 17.30 -59.96 6.41
C ASN A 683 18.01 -59.18 7.50
N ARG A 684 17.89 -57.85 7.45
CA ARG A 684 18.56 -56.98 8.42
C ARG A 684 17.70 -55.76 8.66
N MET A 685 17.99 -55.08 9.78
CA MET A 685 17.33 -53.82 10.11
C MET A 685 17.89 -52.76 9.16
N ARG A 686 17.30 -52.72 7.97
CA ARG A 686 17.79 -51.85 6.91
C ARG A 686 17.67 -50.40 7.34
N SER A 687 18.69 -49.61 7.01
CA SER A 687 18.70 -48.19 7.30
C SER A 687 18.31 -47.42 6.05
N VAL A 688 17.42 -46.44 6.23
CA VAL A 688 16.99 -45.63 5.10
C VAL A 688 18.14 -44.82 4.54
N ASN A 689 19.13 -44.51 5.39
CA ASN A 689 20.33 -43.84 4.91
C ASN A 689 21.01 -44.62 3.81
N ASP A 690 20.90 -45.96 3.85
CA ASP A 690 21.52 -46.81 2.85
C ASP A 690 21.00 -46.56 1.44
N ILE A 691 19.79 -45.99 1.31
CA ILE A 691 19.21 -45.78 -0.01
C ILE A 691 19.36 -44.34 -0.48
N MET A 692 19.93 -43.46 0.35
CA MET A 692 20.03 -42.05 0.00
C MET A 692 20.80 -41.77 -1.28
N PRO A 693 22.00 -42.32 -1.51
CA PRO A 693 22.70 -42.04 -2.77
C PRO A 693 21.99 -42.56 -4.00
N MET A 694 21.05 -43.50 -3.84
CA MET A 694 20.45 -44.15 -4.99
C MET A 694 19.70 -43.15 -5.87
N ILE A 695 18.93 -42.23 -5.26
CA ILE A 695 18.26 -41.18 -6.02
C ILE A 695 19.24 -40.34 -6.83
N GLY A 696 20.43 -40.13 -6.29
CA GLY A 696 21.46 -39.37 -6.98
C GLY A 696 21.03 -38.01 -7.47
N ALA A 697 21.47 -37.67 -8.68
CA ALA A 697 21.33 -36.33 -9.24
C ALA A 697 19.89 -35.88 -9.45
N ARG A 698 18.93 -36.79 -9.42
CA ARG A 698 17.54 -36.38 -9.59
C ARG A 698 17.10 -35.39 -8.51
N PHE A 699 17.69 -35.50 -7.33
CA PHE A 699 17.48 -34.54 -6.26
C PHE A 699 17.50 -33.10 -6.77
N TYR A 700 18.52 -32.76 -7.56
CA TYR A 700 18.63 -31.38 -8.03
C TYR A 700 17.44 -31.00 -8.90
N THR A 701 17.04 -31.87 -9.81
CA THR A 701 15.88 -31.56 -10.65
C THR A 701 14.67 -31.25 -9.80
N GLN A 702 14.51 -32.00 -8.71
CA GLN A 702 13.36 -31.78 -7.83
C GLN A 702 13.46 -30.38 -7.19
N LEU A 703 14.63 -30.09 -6.63
CA LEU A 703 14.79 -28.86 -5.87
C LEU A 703 14.63 -27.65 -6.78
N ASP A 704 15.26 -27.71 -7.95
CA ASP A 704 15.06 -26.67 -8.96
C ASP A 704 13.60 -26.46 -9.31
N ALA A 705 12.84 -27.56 -9.49
CA ALA A 705 11.42 -27.40 -9.76
C ALA A 705 10.75 -26.58 -8.65
N ALA A 706 11.00 -26.96 -7.39
CA ALA A 706 10.47 -26.21 -6.26
C ALA A 706 10.85 -24.73 -6.33
N GLN A 707 12.13 -24.46 -6.58
CA GLN A 707 12.63 -23.09 -6.62
C GLN A 707 11.93 -22.28 -7.71
N MET A 708 11.72 -22.89 -8.87
CA MET A 708 11.03 -22.19 -9.95
C MET A 708 9.57 -21.93 -9.60
N ARG A 709 8.92 -22.84 -8.90
CA ARG A 709 7.57 -22.57 -8.41
C ARG A 709 7.56 -21.34 -7.52
N ASN A 710 8.51 -21.28 -6.58
CA ASN A 710 8.72 -20.08 -5.77
C ASN A 710 8.90 -18.84 -6.64
N ASP A 711 9.77 -18.95 -7.64
CA ASP A 711 10.07 -17.80 -8.51
C ASP A 711 8.84 -17.32 -9.25
N VAL A 712 7.90 -18.22 -9.53
CA VAL A 712 6.65 -17.80 -10.16
C VAL A 712 5.78 -17.06 -9.17
N ILE A 713 5.49 -17.69 -8.04
CA ILE A 713 4.51 -17.09 -7.12
C ILE A 713 5.02 -15.77 -6.57
N GLU A 714 6.29 -15.72 -6.17
CA GLU A 714 6.86 -14.47 -5.66
C GLU A 714 6.69 -13.36 -6.69
N GLU A 715 6.98 -13.65 -7.96
CA GLU A 715 6.68 -12.71 -9.04
C GLU A 715 5.23 -12.27 -9.00
N ASP A 716 4.31 -13.24 -8.95
CA ASP A 716 2.89 -12.93 -8.97
C ASP A 716 2.49 -12.01 -7.82
N LEU A 717 3.19 -12.10 -6.70
CA LEU A 717 2.88 -11.30 -5.52
C LEU A 717 2.78 -9.81 -5.82
N ALA A 718 3.74 -9.27 -6.57
CA ALA A 718 3.84 -7.83 -6.79
C ALA A 718 2.64 -7.26 -7.53
N LYS A 719 1.77 -8.10 -8.09
CA LYS A 719 0.62 -7.60 -8.84
C LYS A 719 -0.31 -6.78 -7.96
N GLU A 720 -0.52 -7.19 -6.71
CA GLU A 720 -1.55 -6.57 -5.87
C GLU A 720 -1.03 -6.34 -4.44
N VAL A 721 0.19 -5.82 -4.32
CA VAL A 721 0.75 -5.56 -3.00
C VAL A 721 -0.02 -4.46 -2.28
N GLN A 722 -0.60 -3.53 -3.03
CA GLN A 722 -1.17 -2.31 -2.48
C GLN A 722 -2.63 -2.44 -2.07
N ASN A 723 -3.21 -3.64 -2.17
CA ASN A 723 -4.66 -3.73 -2.05
C ASN A 723 -5.14 -3.76 -0.60
N GLY A 724 -4.45 -4.49 0.29
CA GLY A 724 -4.76 -4.35 1.70
C GLY A 724 -4.51 -2.96 2.23
N ARG A 725 -3.40 -2.34 1.83
CA ARG A 725 -3.18 -0.91 1.96
C ARG A 725 -4.43 -0.08 1.65
N LEU A 726 -4.91 -0.19 0.41
CA LEU A 726 -5.99 0.69 -0.06
C LEU A 726 -7.35 0.31 0.53
N PHE A 727 -7.60 -0.97 0.79
CA PHE A 727 -8.79 -1.32 1.54
C PHE A 727 -8.79 -0.72 2.93
N ARG A 728 -7.66 -0.76 3.62
CA ARG A 728 -7.70 -0.18 4.96
C ARG A 728 -7.77 1.33 4.86
N LEU A 729 -7.32 1.89 3.73
CA LEU A 729 -7.57 3.29 3.42
C LEU A 729 -9.07 3.61 3.39
N LEU A 730 -9.83 2.95 2.52
CA LEU A 730 -11.27 3.25 2.52
C LEU A 730 -11.95 2.86 3.82
N ALA A 731 -11.36 1.92 4.57
CA ALA A 731 -11.88 1.63 5.90
C ALA A 731 -11.79 2.86 6.78
N LYS A 732 -10.62 3.51 6.79
CA LYS A 732 -10.48 4.74 7.57
C LYS A 732 -11.42 5.81 7.03
N LEU A 733 -11.57 5.89 5.71
CA LEU A 733 -12.50 6.85 5.11
C LEU A 733 -13.90 6.65 5.66
N GLY A 734 -14.39 5.42 5.65
CA GLY A 734 -15.73 5.15 6.14
C GLY A 734 -15.88 5.41 7.63
N THR A 735 -14.87 5.05 8.42
CA THR A 735 -14.97 5.33 9.85
C THR A 735 -14.76 6.80 10.18
N ILE A 736 -14.37 7.63 9.23
CA ILE A 736 -14.17 9.05 9.49
C ILE A 736 -15.32 9.89 8.95
N ASN A 737 -15.84 9.58 7.77
CA ASN A 737 -16.92 10.38 7.22
C ASN A 737 -18.26 9.99 7.83
N GLU A 738 -19.25 10.87 7.62
CA GLU A 738 -20.64 10.65 8.04
C GLU A 738 -20.73 10.29 9.52
N ARG A 739 -20.20 11.20 10.35
CA ARG A 739 -20.20 11.01 11.79
C ARG A 739 -21.28 11.87 12.41
N PRO A 740 -22.35 11.29 12.99
CA PRO A 740 -23.44 12.13 13.51
C PRO A 740 -23.00 13.11 14.59
N GLU A 741 -22.17 12.67 15.52
CA GLU A 741 -21.70 13.50 16.63
C GLU A 741 -21.05 14.79 16.17
N PHE A 742 -20.73 14.91 14.88
CA PHE A 742 -20.11 16.11 14.35
C PHE A 742 -21.09 17.03 13.64
N GLN A 743 -22.31 16.58 13.37
CA GLN A 743 -23.25 17.42 12.63
C GLN A 743 -23.60 18.69 13.38
N LYS A 744 -23.30 18.76 14.68
CA LYS A 744 -23.56 19.96 15.47
C LYS A 744 -22.34 20.85 15.61
N ASP A 745 -21.14 20.29 15.56
CA ASP A 745 -19.94 21.09 15.77
C ASP A 745 -19.75 22.05 14.61
N PRO A 746 -19.68 23.36 14.86
CA PRO A 746 -19.44 24.31 13.76
C PRO A 746 -18.11 24.12 13.06
N THR A 747 -17.15 23.42 13.68
CA THR A 747 -15.91 23.15 12.99
C THR A 747 -16.11 22.27 11.76
N TRP A 748 -17.24 21.58 11.67
CA TRP A 748 -17.63 20.85 10.47
C TRP A 748 -18.64 21.59 9.62
N SER A 749 -19.02 22.81 10.02
CA SER A 749 -19.91 23.63 9.22
C SER A 749 -19.11 24.32 8.11
N GLU A 750 -19.81 25.10 7.28
CA GLU A 750 -19.15 25.74 6.16
C GLU A 750 -18.18 26.83 6.60
N THR A 751 -18.24 27.27 7.85
CA THR A 751 -17.25 28.20 8.38
C THR A 751 -16.12 27.50 9.13
N GLY A 752 -16.22 26.20 9.32
CA GLY A 752 -15.18 25.47 10.01
C GLY A 752 -14.12 24.92 9.08
N ASP A 753 -12.94 24.65 9.64
CA ASP A 753 -11.82 24.16 8.84
C ASP A 753 -12.09 22.80 8.23
N ARG A 754 -13.02 22.03 8.78
CA ARG A 754 -13.22 20.66 8.35
C ARG A 754 -14.27 20.53 7.26
N TYR A 755 -14.88 21.65 6.84
CA TYR A 755 -15.81 21.60 5.71
C TYR A 755 -15.12 21.12 4.45
N LEU A 756 -13.80 21.34 4.36
CA LEU A 756 -13.04 20.82 3.24
C LEU A 756 -13.15 19.30 3.17
N LEU A 757 -13.21 18.62 4.31
CA LEU A 757 -13.38 17.18 4.30
C LEU A 757 -14.71 16.78 3.67
N LYS A 758 -15.78 17.46 4.05
CA LYS A 758 -17.08 17.17 3.47
C LYS A 758 -17.06 17.42 1.97
N LEU A 759 -16.47 18.55 1.57
CA LEU A 759 -16.39 18.85 0.15
C LEU A 759 -15.52 17.83 -0.58
N PHE A 760 -14.48 17.36 0.08
CA PHE A 760 -13.61 16.35 -0.51
C PHE A 760 -14.36 15.06 -0.75
N ARG A 761 -15.12 14.61 0.25
CA ARG A 761 -15.95 13.43 0.07
C ARG A 761 -16.95 13.64 -1.05
N ASP A 762 -17.51 14.85 -1.13
CA ASP A 762 -18.51 15.13 -2.15
C ASP A 762 -17.90 15.13 -3.54
N HIS A 763 -16.67 15.61 -3.67
CA HIS A 763 -16.00 15.48 -4.96
C HIS A 763 -15.67 14.02 -5.27
N LEU A 764 -15.26 13.26 -4.25
CA LEU A 764 -14.86 11.89 -4.48
C LEU A 764 -16.04 11.04 -4.94
N PHE A 765 -17.16 11.14 -4.25
CA PHE A 765 -18.31 10.27 -4.51
C PHE A 765 -19.39 10.96 -5.30
N HIS A 766 -19.70 12.20 -4.94
CA HIS A 766 -20.93 12.86 -5.30
C HIS A 766 -20.77 13.71 -6.54
N GLN A 767 -19.59 13.68 -7.17
CA GLN A 767 -19.38 14.43 -8.39
C GLN A 767 -20.18 13.84 -9.54
N VAL A 768 -20.78 14.72 -10.34
CA VAL A 768 -21.72 14.33 -11.37
C VAL A 768 -21.30 14.95 -12.70
N THR A 769 -21.90 14.45 -13.77
CA THR A 769 -21.64 14.98 -15.10
C THR A 769 -22.26 16.37 -15.23
N GLU A 770 -21.85 17.06 -16.29
CA GLU A 770 -22.40 18.40 -16.56
C GLU A 770 -23.87 18.33 -16.93
N ALA A 771 -24.31 17.20 -17.48
CA ALA A 771 -25.71 17.02 -17.85
C ALA A 771 -26.57 16.54 -16.69
N GLY A 772 -25.98 16.36 -15.50
CA GLY A 772 -26.70 15.91 -14.34
C GLY A 772 -26.70 14.41 -14.11
N ALA A 773 -26.24 13.63 -15.09
CA ALA A 773 -26.14 12.20 -14.89
C ALA A 773 -25.08 11.89 -13.83
N PRO A 774 -25.26 10.82 -13.07
CA PRO A 774 -24.25 10.45 -12.07
C PRO A 774 -22.90 10.21 -12.74
N TRP A 775 -21.85 10.71 -12.11
CA TRP A 775 -20.49 10.52 -12.62
C TRP A 775 -19.72 9.65 -11.63
N ILE A 776 -19.48 8.41 -12.02
CA ILE A 776 -18.74 7.44 -11.23
C ILE A 776 -17.62 6.88 -12.09
N ASP A 777 -16.40 6.90 -11.56
CA ASP A 777 -15.25 6.38 -12.29
C ASP A 777 -14.27 5.80 -11.27
N LEU A 778 -14.22 4.47 -11.20
CA LEU A 778 -13.30 3.82 -10.27
C LEU A 778 -11.86 4.20 -10.55
N SER A 779 -11.50 4.35 -11.83
CA SER A 779 -10.15 4.75 -12.16
C SER A 779 -9.83 6.14 -11.63
N HIS A 780 -10.77 7.08 -11.79
CA HIS A 780 -10.60 8.41 -11.22
C HIS A 780 -10.47 8.33 -9.70
N ILE A 781 -11.30 7.51 -9.08
CA ILE A 781 -11.23 7.30 -7.65
C ILE A 781 -9.82 6.86 -7.27
N ILE A 782 -9.34 5.82 -7.94
CA ILE A 782 -8.04 5.24 -7.61
C ILE A 782 -6.94 6.24 -7.83
N SER A 783 -7.03 7.01 -8.91
CA SER A 783 -5.98 7.97 -9.22
C SER A 783 -5.90 9.05 -8.15
N CYS A 784 -7.05 9.61 -7.77
CA CYS A 784 -7.05 10.60 -6.71
C CYS A 784 -6.58 9.98 -5.41
N LEU A 785 -6.92 8.72 -5.17
CA LEU A 785 -6.44 8.01 -3.99
C LEU A 785 -4.92 7.93 -4.01
N ASN A 786 -4.36 7.62 -5.16
CA ASN A 786 -2.91 7.53 -5.27
C ASN A 786 -2.29 8.89 -5.02
N LYS A 787 -2.87 9.95 -5.59
CA LYS A 787 -2.34 11.27 -5.37
C LYS A 787 -2.38 11.63 -3.89
N LEU A 788 -3.47 11.31 -3.20
CA LEU A 788 -3.55 11.63 -1.79
C LEU A 788 -2.56 10.81 -0.97
N ASP A 789 -2.44 9.52 -1.29
CA ASP A 789 -1.49 8.69 -0.56
C ASP A 789 -0.08 9.18 -0.74
N ALA A 790 0.25 9.67 -1.93
CA ALA A 790 1.58 10.23 -2.16
C ALA A 790 1.72 11.60 -1.51
N GLY A 791 0.62 12.32 -1.35
CA GLY A 791 0.71 13.70 -0.91
C GLY A 791 1.41 14.58 -1.92
N VAL A 792 1.11 14.41 -3.20
CA VAL A 792 1.77 15.14 -4.27
C VAL A 792 1.45 16.62 -4.13
N PRO A 793 2.33 17.52 -4.56
CA PRO A 793 2.02 18.96 -4.53
C PRO A 793 1.00 19.40 -5.56
N GLU A 794 0.41 18.47 -6.30
CA GLU A 794 -0.66 18.82 -7.22
C GLU A 794 -1.85 19.40 -6.47
N LYS A 795 -2.44 20.45 -7.03
CA LYS A 795 -3.58 21.11 -6.44
C LYS A 795 -4.87 20.62 -7.07
N ILE A 796 -5.92 20.48 -6.26
CA ILE A 796 -7.20 20.00 -6.71
C ILE A 796 -8.29 20.95 -6.21
N SER A 797 -9.35 21.09 -7.01
CA SER A 797 -10.43 22.03 -6.74
C SER A 797 -11.64 21.31 -6.14
N LEU A 798 -12.30 21.99 -5.21
CA LEU A 798 -13.45 21.45 -4.48
C LEU A 798 -14.62 22.39 -4.68
N ILE A 799 -15.73 21.84 -5.17
CA ILE A 799 -16.93 22.60 -5.51
C ILE A 799 -18.10 22.04 -4.72
N SER A 800 -18.86 22.91 -4.07
CA SER A 800 -20.05 22.47 -3.35
C SER A 800 -21.17 22.12 -4.32
N ARG A 801 -22.25 21.55 -3.78
CA ARG A 801 -23.38 21.17 -4.62
C ARG A 801 -23.99 22.39 -5.30
N ASP A 802 -24.14 23.48 -4.56
CA ASP A 802 -24.75 24.70 -5.08
C ASP A 802 -23.74 25.69 -5.62
N GLU A 803 -22.45 25.33 -5.64
CA GLU A 803 -21.37 26.19 -6.11
C GLU A 803 -21.29 27.49 -5.31
N LYS A 804 -21.80 27.48 -4.08
CA LYS A 804 -21.72 28.68 -3.25
C LYS A 804 -20.27 29.02 -2.89
N SER A 805 -19.49 28.00 -2.54
CA SER A 805 -18.11 28.19 -2.15
C SER A 805 -17.25 27.13 -2.80
N VAL A 806 -16.11 27.53 -3.37
CA VAL A 806 -15.17 26.64 -4.03
C VAL A 806 -13.77 26.94 -3.53
N LEU A 807 -12.99 25.89 -3.25
CA LEU A 807 -11.62 26.04 -2.75
C LEU A 807 -10.67 25.13 -3.50
N VAL A 808 -9.51 25.65 -3.88
CA VAL A 808 -8.45 24.86 -4.49
C VAL A 808 -7.34 24.64 -3.47
N VAL A 809 -6.98 23.38 -3.25
CA VAL A 809 -6.03 23.01 -2.20
C VAL A 809 -5.19 21.83 -2.68
N THR A 810 -3.92 21.83 -2.29
CA THR A 810 -3.02 20.72 -2.57
C THR A 810 -3.40 19.48 -1.76
N TYR A 811 -3.03 18.31 -2.28
CA TYR A 811 -3.34 17.04 -1.63
C TYR A 811 -2.65 16.90 -0.27
N SER A 812 -1.52 17.56 -0.08
CA SER A 812 -0.78 17.42 1.18
C SER A 812 -1.58 17.97 2.35
N ASP A 813 -2.30 19.07 2.14
CA ASP A 813 -3.15 19.58 3.20
C ASP A 813 -4.30 18.62 3.49
N LEU A 814 -4.83 17.97 2.46
CA LEU A 814 -5.78 16.89 2.70
C LEU A 814 -5.19 15.82 3.59
N LYS A 815 -3.93 15.46 3.35
CA LYS A 815 -3.26 14.47 4.18
C LYS A 815 -3.17 14.95 5.62
N ARG A 816 -2.79 16.21 5.83
CA ARG A 816 -2.68 16.75 7.17
C ARG A 816 -4.03 16.72 7.88
N CYS A 817 -5.09 17.14 7.19
CA CYS A 817 -6.40 17.18 7.82
C CYS A 817 -6.88 15.77 8.18
N PHE A 818 -6.69 14.81 7.27
CA PHE A 818 -7.15 13.45 7.54
C PHE A 818 -6.38 12.83 8.68
N GLU A 819 -5.06 13.04 8.73
CA GLU A 819 -4.30 12.48 9.85
C GLU A 819 -4.72 13.10 11.16
N ASN A 820 -4.94 14.42 11.19
CA ASN A 820 -5.33 15.04 12.45
C ASN A 820 -6.71 14.57 12.89
N THR A 821 -7.67 14.47 11.96
CA THR A 821 -9.01 14.05 12.37
C THR A 821 -9.01 12.59 12.83
N PHE A 822 -8.25 11.72 12.16
CA PHE A 822 -8.21 10.34 12.62
C PHE A 822 -7.52 10.24 13.96
N GLN A 823 -6.47 11.04 14.19
CA GLN A 823 -5.81 11.05 15.48
C GLN A 823 -6.76 11.52 16.57
N GLU A 824 -7.58 12.53 16.28
CA GLU A 824 -8.57 12.99 17.24
C GLU A 824 -9.59 11.91 17.53
N LEU A 825 -10.06 11.20 16.50
CA LEU A 825 -11.02 10.14 16.71
C LEU A 825 -10.42 9.00 17.53
N ILE A 826 -9.16 8.67 17.26
CA ILE A 826 -8.48 7.63 18.03
C ILE A 826 -8.34 8.04 19.49
N ALA A 827 -7.95 9.29 19.73
CA ALA A 827 -7.79 9.75 21.11
C ALA A 827 -9.13 9.74 21.85
N ALA A 828 -10.20 10.16 21.17
CA ALA A 828 -11.52 10.12 21.79
C ALA A 828 -11.97 8.69 22.07
N ALA A 829 -11.68 7.77 21.14
CA ALA A 829 -12.01 6.37 21.36
C ALA A 829 -11.23 5.77 22.52
N ASN A 830 -10.00 6.22 22.71
CA ASN A 830 -9.13 5.68 23.75
C ASN A 830 -9.17 6.47 25.05
N GLY A 831 -9.98 7.51 25.12
CA GLY A 831 -10.17 8.23 26.38
C GLY A 831 -9.10 9.24 26.72
N GLN A 832 -8.41 9.78 25.72
CA GLN A 832 -7.43 10.83 25.94
C GLN A 832 -8.03 12.23 25.78
N LEU A 833 -9.30 12.33 25.41
CA LEU A 833 -9.98 13.61 25.30
C LEU A 833 -10.99 13.78 26.43
N PRO B 416 27.03 12.68 -19.93
CA PRO B 416 27.13 12.71 -21.39
C PRO B 416 27.86 11.50 -21.97
N ALA B 417 28.45 10.68 -21.08
CA ALA B 417 29.17 9.49 -21.51
C ALA B 417 28.27 8.32 -21.79
N VAL B 418 27.00 8.37 -21.38
CA VAL B 418 26.07 7.25 -21.52
C VAL B 418 25.08 7.60 -22.63
N PRO B 419 25.16 6.96 -23.79
CA PRO B 419 24.14 7.19 -24.83
C PRO B 419 22.78 6.65 -24.41
N THR B 420 21.73 7.34 -24.85
CA THR B 420 20.38 6.97 -24.43
C THR B 420 19.95 5.65 -25.03
N GLU B 421 20.08 5.50 -26.35
CA GLU B 421 19.60 4.31 -27.05
C GLU B 421 20.78 3.54 -27.64
N VAL B 422 20.91 2.29 -27.25
CA VAL B 422 21.88 1.36 -27.84
C VAL B 422 21.08 0.21 -28.42
N ASP B 423 21.04 0.12 -29.75
CA ASP B 423 20.29 -0.90 -30.48
C ASP B 423 18.83 -0.82 -30.03
N SER B 424 18.26 -1.85 -29.41
CA SER B 424 16.88 -1.87 -28.98
C SER B 424 16.71 -1.49 -27.51
N TYR B 425 17.77 -1.03 -26.85
CA TYR B 425 17.74 -0.71 -25.43
C TYR B 425 17.89 0.78 -25.21
N HIS B 426 17.04 1.32 -24.34
CA HIS B 426 17.07 2.74 -24.00
C HIS B 426 17.05 2.92 -22.50
N SER B 427 16.98 4.17 -22.04
CA SER B 427 16.94 4.49 -20.61
C SER B 427 18.08 3.80 -19.86
N LEU B 428 19.29 3.99 -20.36
CA LEU B 428 20.46 3.34 -19.77
C LEU B 428 20.89 4.11 -18.54
N PHE B 429 20.93 3.42 -17.40
CA PHE B 429 21.30 4.02 -16.12
C PHE B 429 22.50 3.28 -15.55
N PRO B 430 23.64 3.94 -15.38
CA PRO B 430 24.81 3.27 -14.81
C PRO B 430 24.48 2.67 -13.44
N LEU B 431 24.87 1.42 -13.25
CA LEU B 431 24.52 0.68 -12.04
C LEU B 431 25.66 0.62 -11.04
N GLU B 432 26.89 0.59 -11.50
CA GLU B 432 28.07 0.68 -10.65
C GLU B 432 28.76 2.01 -10.92
N PRO B 433 29.54 2.52 -9.95
CA PRO B 433 30.34 3.71 -10.23
C PRO B 433 31.25 3.47 -11.42
N LEU B 434 30.96 4.14 -12.53
CA LEU B 434 31.69 3.87 -13.76
C LEU B 434 33.13 4.34 -13.64
N PRO B 435 34.08 3.58 -14.18
CA PRO B 435 35.47 4.03 -14.18
C PRO B 435 35.61 5.34 -14.93
N PRO B 436 36.44 6.25 -14.44
CA PRO B 436 36.64 7.51 -15.16
C PRO B 436 37.27 7.25 -16.51
N PRO B 437 37.04 8.13 -17.49
CA PRO B 437 37.68 7.96 -18.80
C PRO B 437 39.19 7.98 -18.73
N ASN B 438 39.77 8.57 -17.68
CA ASN B 438 41.21 8.58 -17.48
C ASN B 438 41.73 7.34 -16.78
N ARG B 439 40.85 6.40 -16.45
CA ARG B 439 41.26 5.15 -15.80
C ARG B 439 41.75 4.20 -16.87
N ILE B 440 43.03 4.32 -17.23
CA ILE B 440 43.63 3.42 -18.20
C ILE B 440 43.69 2.00 -17.66
N GLN B 441 43.73 1.84 -16.34
CA GLN B 441 43.82 0.52 -15.73
C GLN B 441 42.63 -0.36 -16.11
N LYS B 442 42.90 -1.41 -16.86
CA LYS B 442 41.89 -2.41 -17.15
C LYS B 442 41.42 -3.07 -15.87
N SER B 443 40.14 -3.43 -15.83
CA SER B 443 39.57 -4.00 -14.62
C SER B 443 40.33 -5.26 -14.21
N SER B 444 40.52 -5.41 -12.89
CA SER B 444 41.30 -6.55 -12.40
C SER B 444 40.53 -7.85 -12.55
N ASN B 445 39.19 -7.79 -12.59
CA ASN B 445 38.39 -9.01 -12.68
C ASN B 445 38.27 -9.53 -14.10
N PHE B 446 38.30 -8.65 -15.11
CA PHE B 446 38.08 -9.07 -16.49
C PHE B 446 39.21 -8.70 -17.43
N GLY B 447 40.18 -7.91 -16.99
CA GLY B 447 41.32 -7.56 -17.82
C GLY B 447 41.08 -6.46 -18.82
N TYR B 448 39.92 -5.79 -18.81
CA TYR B 448 39.63 -4.74 -19.76
C TYR B 448 38.72 -3.71 -19.12
N ILE B 449 38.43 -2.64 -19.85
CA ILE B 449 37.57 -1.58 -19.33
C ILE B 449 36.13 -2.08 -19.28
N THR B 450 35.51 -1.94 -18.11
CA THR B 450 34.17 -2.48 -17.87
C THR B 450 33.20 -1.36 -17.54
N SER B 451 31.94 -1.56 -17.92
CA SER B 451 30.89 -0.63 -17.59
C SER B 451 29.59 -1.38 -17.35
N CYS B 452 28.71 -0.80 -16.53
CA CYS B 452 27.45 -1.42 -16.15
C CYS B 452 26.30 -0.44 -16.34
N TYR B 453 25.20 -0.92 -16.90
CA TYR B 453 24.05 -0.07 -17.16
C TYR B 453 22.78 -0.88 -16.98
N LYS B 454 21.66 -0.19 -16.77
CA LYS B 454 20.35 -0.81 -16.78
C LYS B 454 19.57 -0.21 -17.93
N ALA B 455 19.05 -1.06 -18.81
CA ALA B 455 18.32 -0.60 -19.97
C ALA B 455 16.98 -1.32 -20.04
N VAL B 456 16.13 -0.87 -20.96
CA VAL B 456 14.82 -1.47 -21.18
C VAL B 456 14.69 -1.82 -22.65
N ASN B 457 14.19 -3.02 -22.92
CA ASN B 457 13.94 -3.44 -24.29
C ASN B 457 12.78 -2.66 -24.87
N SER B 458 12.94 -2.18 -26.10
CA SER B 458 11.85 -1.52 -26.79
C SER B 458 10.91 -2.49 -27.50
N LYS B 459 11.28 -3.76 -27.59
CA LYS B 459 10.46 -4.74 -28.30
C LYS B 459 9.51 -5.48 -27.36
N ASP B 460 10.05 -6.22 -26.40
CA ASP B 460 9.22 -6.95 -25.45
C ASP B 460 9.09 -6.21 -24.13
N ASP B 461 9.69 -5.03 -24.01
CA ASP B 461 9.49 -4.13 -22.88
C ASP B 461 9.89 -4.80 -21.56
N LEU B 462 11.16 -5.19 -21.50
CA LEU B 462 11.66 -5.91 -20.34
C LEU B 462 12.94 -5.25 -19.83
N PRO B 463 13.19 -5.34 -18.52
CA PRO B 463 14.44 -4.79 -17.98
C PRO B 463 15.62 -5.70 -18.30
N TYR B 464 16.75 -5.07 -18.61
CA TYR B 464 17.97 -5.80 -18.91
C TYR B 464 19.15 -5.09 -18.28
N CYS B 465 20.15 -5.88 -17.88
CA CYS B 465 21.41 -5.35 -17.36
C CYS B 465 22.47 -5.46 -18.46
N LEU B 466 23.10 -4.34 -18.78
CA LEU B 466 24.06 -4.26 -19.87
C LEU B 466 25.48 -4.16 -19.33
N ARG B 467 26.32 -5.10 -19.72
CA ARG B 467 27.76 -5.07 -19.44
C ARG B 467 28.49 -4.71 -20.73
N ARG B 468 29.10 -3.52 -20.75
CA ARG B 468 29.81 -3.04 -21.92
C ARG B 468 31.30 -3.25 -21.76
N ILE B 469 31.92 -3.88 -22.76
CA ILE B 469 33.35 -4.06 -22.79
C ILE B 469 33.92 -3.14 -23.86
N HIS B 470 35.13 -2.66 -23.62
CA HIS B 470 35.71 -1.57 -24.41
C HIS B 470 36.87 -2.08 -25.23
N GLY B 471 37.02 -1.54 -26.43
CA GLY B 471 38.18 -1.83 -27.26
C GLY B 471 38.25 -3.22 -27.81
N PHE B 472 37.13 -3.76 -28.30
CA PHE B 472 37.11 -5.11 -28.82
C PHE B 472 36.44 -5.19 -30.19
N ARG B 473 36.98 -6.06 -31.04
CA ARG B 473 36.39 -6.42 -32.32
C ARG B 473 36.35 -7.94 -32.40
N LEU B 474 35.32 -8.47 -33.03
CA LEU B 474 35.18 -9.92 -33.14
C LEU B 474 36.34 -10.51 -33.94
N VAL B 475 36.96 -11.55 -33.38
CA VAL B 475 38.09 -12.20 -34.03
C VAL B 475 37.59 -13.38 -34.86
N ASN B 476 37.00 -14.36 -34.19
CA ASN B 476 36.41 -15.51 -34.85
C ASN B 476 34.97 -15.65 -34.39
N THR B 477 34.10 -16.07 -35.32
CA THR B 477 32.68 -16.13 -35.05
C THR B 477 32.23 -17.43 -34.39
N LYS B 478 33.14 -18.40 -34.23
CA LYS B 478 32.75 -19.72 -33.71
C LYS B 478 32.13 -19.62 -32.32
N CYS B 479 32.46 -18.58 -31.56
CA CYS B 479 31.93 -18.38 -30.22
C CYS B 479 30.41 -18.33 -30.19
N MET B 480 29.76 -18.05 -31.34
CA MET B 480 28.30 -18.03 -31.35
C MET B 480 27.72 -19.38 -30.97
N VAL B 481 28.43 -20.48 -31.25
CA VAL B 481 27.95 -21.78 -30.77
C VAL B 481 27.88 -21.80 -29.25
N LEU B 482 28.91 -21.30 -28.59
CA LEU B 482 28.88 -21.17 -27.13
C LEU B 482 27.74 -20.27 -26.69
N VAL B 483 27.56 -19.14 -27.36
CA VAL B 483 26.48 -18.23 -27.00
C VAL B 483 25.13 -18.91 -27.15
N ASP B 484 24.96 -19.72 -28.19
CA ASP B 484 23.77 -20.54 -28.35
C ASP B 484 23.61 -21.51 -27.18
N MET B 485 24.72 -22.08 -26.71
CA MET B 485 24.65 -22.97 -25.56
C MET B 485 24.11 -22.23 -24.35
N TRP B 486 24.61 -21.02 -24.10
CA TRP B 486 24.07 -20.24 -22.99
C TRP B 486 22.61 -19.88 -23.21
N LYS B 487 22.24 -19.58 -24.46
CA LYS B 487 20.84 -19.28 -24.77
C LYS B 487 19.94 -20.48 -24.58
N LYS B 488 20.49 -21.69 -24.55
CA LYS B 488 19.69 -22.85 -24.20
C LYS B 488 19.85 -23.27 -22.75
N ILE B 489 20.80 -22.68 -22.03
CA ILE B 489 20.97 -22.95 -20.60
C ILE B 489 19.96 -22.10 -19.82
N GLN B 490 19.10 -22.77 -19.05
CA GLN B 490 18.10 -22.11 -18.20
C GLN B 490 18.21 -22.67 -16.78
N HIS B 491 18.95 -21.98 -15.91
CA HIS B 491 19.12 -22.44 -14.54
C HIS B 491 18.69 -21.35 -13.57
N SER B 492 18.20 -21.76 -12.41
CA SER B 492 17.61 -20.83 -11.46
C SER B 492 18.65 -19.88 -10.89
N ASN B 493 19.80 -20.40 -10.46
CA ASN B 493 20.77 -19.60 -9.73
C ASN B 493 21.77 -18.91 -10.65
N ILE B 494 21.53 -18.88 -11.95
CA ILE B 494 22.45 -18.26 -12.90
C ILE B 494 21.78 -17.03 -13.46
N VAL B 495 22.54 -15.94 -13.57
CA VAL B 495 22.06 -14.78 -14.30
C VAL B 495 21.93 -15.20 -15.76
N THR B 496 20.70 -15.36 -16.23
CA THR B 496 20.47 -15.88 -17.56
C THR B 496 20.89 -14.88 -18.62
N LEU B 497 21.68 -15.35 -19.60
CA LEU B 497 22.17 -14.50 -20.67
C LEU B 497 21.16 -14.47 -21.81
N ARG B 498 20.66 -13.28 -22.11
CA ARG B 498 19.63 -13.15 -23.14
C ARG B 498 20.21 -13.00 -24.54
N GLU B 499 21.10 -12.02 -24.74
CA GLU B 499 21.69 -11.83 -26.06
C GLU B 499 23.02 -11.11 -25.93
N VAL B 500 23.72 -11.01 -27.06
CA VAL B 500 24.99 -10.29 -27.17
C VAL B 500 24.97 -9.55 -28.51
N PHE B 501 25.49 -8.32 -28.52
CA PHE B 501 25.55 -7.61 -29.78
C PHE B 501 26.66 -6.58 -29.79
N THR B 502 26.91 -6.04 -30.99
CA THR B 502 27.93 -5.03 -31.26
C THR B 502 27.28 -3.67 -31.40
N THR B 503 27.89 -2.66 -30.79
CA THR B 503 27.38 -1.30 -30.86
C THR B 503 28.53 -0.33 -31.13
N LYS B 504 28.22 0.72 -31.87
CA LYS B 504 29.17 1.82 -32.09
C LYS B 504 28.61 3.15 -31.65
N ALA B 505 27.46 3.17 -30.97
CA ALA B 505 26.95 4.41 -30.40
C ALA B 505 27.90 4.97 -29.35
N PHE B 506 28.69 4.11 -28.73
CA PHE B 506 29.71 4.56 -27.81
C PHE B 506 30.87 5.19 -28.58
N ALA B 507 31.80 5.79 -27.82
CA ALA B 507 33.00 6.36 -28.42
C ALA B 507 33.84 5.29 -29.11
N GLU B 508 33.76 4.05 -28.64
CA GLU B 508 34.48 2.94 -29.21
C GLU B 508 33.51 1.83 -29.60
N PRO B 509 33.84 1.04 -30.62
CA PRO B 509 33.04 -0.17 -30.89
C PRO B 509 33.09 -1.11 -29.71
N SER B 510 31.94 -1.32 -29.09
CA SER B 510 31.83 -2.05 -27.85
C SER B 510 30.87 -3.23 -28.01
N LEU B 511 30.96 -4.16 -27.07
CA LEU B 511 30.09 -5.31 -27.02
C LEU B 511 29.17 -5.19 -25.82
N VAL B 512 27.87 -5.37 -26.06
CA VAL B 512 26.87 -5.31 -25.01
C VAL B 512 26.34 -6.72 -24.80
N PHE B 513 26.47 -7.20 -23.57
CA PHE B 513 25.79 -8.41 -23.11
C PHE B 513 24.48 -8.02 -22.46
N ALA B 514 23.38 -8.54 -22.96
CA ALA B 514 22.07 -8.35 -22.37
C ALA B 514 21.69 -9.60 -21.60
N TYR B 515 21.54 -9.48 -20.29
CA TYR B 515 21.01 -10.53 -19.44
C TYR B 515 19.64 -10.11 -18.93
N ASP B 516 18.86 -11.10 -18.48
CA ASP B 516 17.62 -10.78 -17.79
C ASP B 516 17.93 -10.15 -16.43
N PHE B 517 17.09 -9.22 -16.01
CA PHE B 517 17.43 -8.29 -14.94
C PHE B 517 16.74 -8.68 -13.63
N HIS B 518 17.50 -8.67 -12.53
CA HIS B 518 16.95 -8.88 -11.20
C HIS B 518 17.44 -7.76 -10.30
N ALA B 519 16.55 -7.26 -9.45
CA ALA B 519 16.91 -6.21 -8.51
C ALA B 519 17.34 -6.81 -7.18
N GLY B 520 17.97 -5.96 -6.35
CA GLY B 520 18.23 -6.29 -4.97
C GLY B 520 19.42 -7.18 -4.71
N GLY B 521 20.27 -7.42 -5.71
CA GLY B 521 21.39 -8.32 -5.54
C GLY B 521 22.49 -7.70 -4.68
N GLU B 522 22.88 -8.40 -3.62
CA GLU B 522 23.99 -7.98 -2.77
C GLU B 522 25.05 -9.06 -2.80
N THR B 523 26.28 -8.68 -3.09
CA THR B 523 27.30 -9.69 -3.37
C THR B 523 27.79 -10.33 -2.08
N MET B 524 28.61 -11.37 -2.25
CA MET B 524 29.20 -12.06 -1.10
C MET B 524 29.90 -11.07 -0.20
N MET B 525 30.81 -10.28 -0.77
CA MET B 525 31.58 -9.32 0.03
C MET B 525 30.67 -8.29 0.65
N SER B 526 29.73 -7.76 -0.13
CA SER B 526 28.86 -6.69 0.35
C SER B 526 28.05 -7.15 1.54
N ARG B 527 27.59 -8.39 1.53
CA ARG B 527 26.79 -8.84 2.65
C ARG B 527 27.65 -9.31 3.83
N HIS B 528 28.73 -10.03 3.54
CA HIS B 528 29.46 -10.77 4.56
C HIS B 528 30.88 -10.26 4.80
N PHE B 529 31.70 -10.19 3.75
CA PHE B 529 33.10 -9.86 3.91
C PHE B 529 33.34 -8.36 4.04
N ASN B 530 32.26 -7.59 4.14
CA ASN B 530 32.39 -6.14 4.26
C ASN B 530 32.94 -5.73 5.62
N ASP B 531 33.04 -6.66 6.57
CA ASP B 531 33.60 -6.38 7.88
C ASP B 531 35.08 -6.68 7.87
N PRO B 532 35.95 -5.67 7.95
CA PRO B 532 37.39 -5.94 7.99
C PRO B 532 37.83 -6.67 9.24
N ASN B 533 37.09 -6.59 10.34
CA ASN B 533 37.45 -7.33 11.54
C ASN B 533 37.27 -8.82 11.35
N ALA B 534 36.38 -9.24 10.46
CA ALA B 534 36.30 -10.65 10.11
C ALA B 534 37.55 -11.11 9.38
N ASP B 535 38.23 -10.21 8.67
CA ASP B 535 39.51 -10.55 8.07
C ASP B 535 40.65 -10.37 9.06
N ALA B 536 40.46 -9.52 10.07
CA ALA B 536 41.47 -9.20 11.07
C ALA B 536 41.83 -10.39 11.95
N TYR B 537 41.03 -11.45 11.92
CA TYR B 537 41.47 -12.69 12.56
C TYR B 537 42.63 -13.30 11.81
N PHE B 538 42.49 -13.44 10.48
CA PHE B 538 43.55 -13.99 9.65
C PHE B 538 44.73 -13.03 9.54
N THR B 539 44.44 -11.73 9.48
CA THR B 539 45.46 -10.72 9.32
C THR B 539 45.74 -10.09 10.68
N LYS B 540 46.64 -9.09 10.69
CA LYS B 540 47.00 -8.28 11.86
C LYS B 540 46.91 -9.06 13.16
N ARG B 541 47.60 -10.19 13.24
CA ARG B 541 47.58 -10.99 14.45
C ARG B 541 48.56 -10.38 15.46
N LYS B 542 48.81 -11.11 16.54
CA LYS B 542 49.80 -10.66 17.52
C LYS B 542 51.22 -10.74 16.95
N TRP B 543 51.45 -11.64 15.99
CA TRP B 543 52.74 -11.78 15.31
C TRP B 543 53.89 -11.94 16.29
N GLY B 544 53.75 -12.87 17.23
CA GLY B 544 54.80 -13.15 18.19
C GLY B 544 54.30 -13.43 19.59
N GLN B 545 53.25 -12.74 20.02
CA GLN B 545 52.64 -13.05 21.30
C GLN B 545 52.01 -14.43 21.23
N HIS B 546 52.14 -15.20 22.31
CA HIS B 546 51.59 -16.55 22.36
C HIS B 546 50.12 -16.56 21.95
N GLU B 547 49.83 -17.21 20.82
CA GLU B 547 48.46 -17.31 20.34
C GLU B 547 47.73 -18.36 21.18
N GLY B 548 46.85 -17.90 22.06
CA GLY B 548 46.14 -18.77 22.96
C GLY B 548 45.05 -19.55 22.26
N PRO B 549 44.20 -20.22 23.04
CA PRO B 549 43.10 -20.97 22.43
C PRO B 549 42.20 -20.06 21.61
N LEU B 550 41.78 -20.56 20.45
CA LEU B 550 40.96 -19.77 19.55
C LEU B 550 39.60 -19.52 20.20
N PRO B 551 39.07 -18.30 20.14
CA PRO B 551 37.74 -18.06 20.70
C PRO B 551 36.70 -18.98 20.07
N ARG B 552 35.94 -19.67 20.91
CA ARG B 552 35.02 -20.67 20.40
C ARG B 552 33.95 -20.06 19.51
N GLN B 553 33.49 -18.86 19.84
CA GLN B 553 32.53 -18.14 19.01
C GLN B 553 33.30 -17.10 18.22
N HIS B 554 33.86 -17.54 17.08
CA HIS B 554 34.50 -16.61 16.16
C HIS B 554 33.44 -15.68 15.58
N ALA B 555 33.65 -14.37 15.75
CA ALA B 555 32.68 -13.40 15.28
C ALA B 555 32.46 -13.55 13.78
N GLY B 556 31.21 -13.59 13.38
CA GLY B 556 30.85 -13.76 11.98
C GLY B 556 30.45 -15.16 11.57
N LEU B 557 30.29 -16.08 12.52
CA LEU B 557 29.93 -17.45 12.17
C LEU B 557 28.53 -17.48 11.56
N LEU B 558 28.43 -18.05 10.38
CA LEU B 558 27.16 -18.12 9.68
C LEU B 558 26.36 -19.33 10.13
N PRO B 559 25.04 -19.30 9.99
CA PRO B 559 24.27 -20.52 10.19
C PRO B 559 24.76 -21.62 9.26
N GLU B 560 25.05 -22.78 9.84
CA GLU B 560 25.58 -23.85 9.03
C GLU B 560 24.54 -24.36 8.06
N SER B 561 23.26 -24.28 8.44
CA SER B 561 22.20 -24.58 7.48
C SER B 561 22.29 -23.63 6.29
N LEU B 562 22.55 -22.36 6.55
CA LEU B 562 22.68 -21.39 5.47
C LEU B 562 23.85 -21.72 4.56
N ILE B 563 25.00 -22.06 5.15
CA ILE B 563 26.14 -22.34 4.29
C ILE B 563 25.94 -23.64 3.52
N TRP B 564 25.25 -24.61 4.12
CA TRP B 564 24.95 -25.84 3.40
C TRP B 564 24.00 -25.57 2.25
N ALA B 565 23.01 -24.70 2.45
CA ALA B 565 22.15 -24.29 1.35
C ALA B 565 22.95 -23.65 0.24
N TYR B 566 23.91 -22.79 0.61
CA TYR B 566 24.71 -22.10 -0.39
C TYR B 566 25.50 -23.10 -1.21
N ILE B 567 26.13 -24.07 -0.55
CA ILE B 567 26.88 -25.08 -1.29
C ILE B 567 25.96 -25.93 -2.15
N VAL B 568 24.73 -26.18 -1.70
CA VAL B 568 23.80 -26.94 -2.53
C VAL B 568 23.54 -26.18 -3.82
N GLN B 569 23.23 -24.89 -3.71
CA GLN B 569 22.94 -24.11 -4.91
C GLN B 569 24.15 -24.05 -5.83
N LEU B 570 25.33 -23.81 -5.24
CA LEU B 570 26.55 -23.73 -6.05
C LEU B 570 26.80 -25.03 -6.79
N SER B 571 26.68 -26.15 -6.09
CA SER B 571 26.96 -27.43 -6.70
C SER B 571 25.94 -27.76 -7.79
N SER B 572 24.66 -27.47 -7.54
CA SER B 572 23.65 -27.72 -8.57
C SER B 572 23.90 -26.87 -9.80
N ALA B 573 24.30 -25.62 -9.61
CA ALA B 573 24.63 -24.77 -10.75
C ALA B 573 25.80 -25.36 -11.54
N LEU B 574 26.86 -25.76 -10.83
CA LEU B 574 28.02 -26.30 -11.51
C LEU B 574 27.65 -27.55 -12.31
N ARG B 575 26.81 -28.41 -11.74
CA ARG B 575 26.48 -29.64 -12.45
C ARG B 575 25.60 -29.37 -13.66
N THR B 576 24.58 -28.51 -13.50
CA THR B 576 23.73 -28.21 -14.64
C THR B 576 24.53 -27.54 -15.76
N ILE B 577 25.59 -26.82 -15.40
CA ILE B 577 26.47 -26.27 -16.42
C ILE B 577 27.27 -27.38 -17.09
N HIS B 578 27.89 -28.24 -16.28
CA HIS B 578 28.84 -29.22 -16.81
C HIS B 578 28.15 -30.23 -17.69
N THR B 579 26.91 -30.60 -17.38
CA THR B 579 26.20 -31.55 -18.22
C THR B 579 25.97 -31.00 -19.63
N ALA B 580 25.96 -29.68 -19.78
CA ALA B 580 25.79 -29.09 -21.10
C ALA B 580 27.10 -28.95 -21.86
N GLY B 581 28.22 -29.25 -21.21
CA GLY B 581 29.51 -29.17 -21.86
C GLY B 581 30.09 -27.77 -21.89
N LEU B 582 30.10 -27.08 -20.75
CA LEU B 582 30.62 -25.73 -20.67
C LEU B 582 31.26 -25.51 -19.31
N ALA B 583 31.70 -24.28 -19.06
CA ALA B 583 32.31 -23.89 -17.81
C ALA B 583 31.90 -22.47 -17.49
N CYS B 584 31.46 -22.23 -16.25
CA CYS B 584 31.04 -20.90 -15.85
C CYS B 584 32.22 -19.95 -15.70
N ARG B 585 33.32 -20.45 -15.12
CA ARG B 585 34.61 -19.77 -14.93
C ARG B 585 34.47 -18.32 -14.44
N VAL B 586 33.41 -18.00 -13.70
CA VAL B 586 33.27 -16.63 -13.22
C VAL B 586 32.92 -16.65 -11.73
N MET B 587 32.65 -17.84 -11.21
CA MET B 587 32.30 -17.99 -9.81
C MET B 587 33.34 -17.33 -8.90
N ASP B 588 32.90 -16.31 -8.17
CA ASP B 588 33.75 -15.53 -7.28
C ASP B 588 32.85 -14.79 -6.30
N PRO B 589 33.37 -14.43 -5.11
CA PRO B 589 32.57 -13.66 -4.16
C PRO B 589 31.88 -12.47 -4.82
N THR B 590 32.66 -11.61 -5.46
CA THR B 590 32.12 -10.42 -6.09
C THR B 590 31.19 -10.75 -7.25
N LYS B 591 31.22 -11.99 -7.73
CA LYS B 591 30.40 -12.40 -8.87
C LYS B 591 29.21 -13.22 -8.45
N ILE B 592 28.97 -13.37 -7.15
CA ILE B 592 27.78 -14.03 -6.65
C ILE B 592 26.95 -13.02 -5.87
N LEU B 593 25.70 -12.82 -6.29
CA LEU B 593 24.76 -11.95 -5.62
C LEU B 593 23.77 -12.78 -4.81
N ILE B 594 23.18 -12.16 -3.81
CA ILE B 594 22.22 -12.83 -2.93
C ILE B 594 20.89 -12.11 -3.10
N THR B 595 20.08 -12.56 -4.04
CA THR B 595 18.71 -12.07 -4.13
C THR B 595 17.93 -12.56 -2.92
N GLY B 596 17.23 -11.64 -2.26
CA GLY B 596 16.56 -12.02 -1.03
C GLY B 596 17.58 -12.26 0.06
N LYS B 597 17.45 -13.39 0.75
CA LYS B 597 18.31 -13.72 1.88
C LYS B 597 19.21 -14.91 1.61
N THR B 598 18.68 -15.97 1.00
CA THR B 598 19.47 -17.17 0.72
C THR B 598 19.60 -17.47 -0.76
N ARG B 599 18.54 -17.21 -1.55
CA ARG B 599 18.58 -17.47 -2.98
C ARG B 599 19.78 -16.80 -3.64
N LEU B 600 20.53 -17.57 -4.40
CA LEU B 600 21.79 -17.12 -4.98
C LEU B 600 21.67 -16.92 -6.48
N ARG B 601 22.50 -16.02 -7.01
CA ARG B 601 22.57 -15.72 -8.43
C ARG B 601 24.00 -15.44 -8.84
N VAL B 602 24.47 -16.11 -9.88
CA VAL B 602 25.81 -15.92 -10.40
C VAL B 602 25.73 -15.08 -11.67
N ASN B 603 26.49 -13.99 -11.71
CA ASN B 603 26.41 -13.03 -12.79
C ASN B 603 27.56 -13.23 -13.78
N CYS B 604 27.53 -12.44 -14.84
CA CYS B 604 28.59 -12.40 -15.84
C CYS B 604 28.88 -13.78 -16.44
N VAL B 605 27.86 -14.34 -17.07
CA VAL B 605 27.99 -15.66 -17.68
C VAL B 605 28.28 -15.50 -19.17
N GLY B 606 28.95 -16.49 -19.74
CA GLY B 606 29.26 -16.51 -21.16
C GLY B 606 29.97 -15.26 -21.65
N VAL B 607 31.04 -14.85 -20.98
CA VAL B 607 31.79 -13.66 -21.34
C VAL B 607 33.13 -14.01 -21.95
N PHE B 608 33.92 -14.84 -21.26
CA PHE B 608 35.22 -15.23 -21.76
C PHE B 608 35.11 -15.97 -23.10
N ASP B 609 33.96 -16.59 -23.38
CA ASP B 609 33.78 -17.30 -24.65
C ASP B 609 34.05 -16.38 -25.83
N VAL B 610 33.80 -15.09 -25.68
CA VAL B 610 34.09 -14.11 -26.70
C VAL B 610 35.28 -13.24 -26.33
N LEU B 611 35.39 -12.86 -25.06
CA LEU B 611 36.47 -11.99 -24.59
C LEU B 611 37.83 -12.63 -24.82
N THR B 612 37.99 -13.89 -24.40
CA THR B 612 39.27 -14.56 -24.58
C THR B 612 39.10 -15.68 -25.59
N PHE B 613 38.44 -15.35 -26.70
CA PHE B 613 38.14 -16.33 -27.74
C PHE B 613 39.29 -16.39 -28.72
N ASP B 614 39.96 -17.54 -28.75
CA ASP B 614 41.11 -17.76 -29.62
C ASP B 614 40.94 -19.10 -30.34
N ASN B 615 41.50 -19.18 -31.54
CA ASN B 615 41.52 -20.42 -32.29
C ASN B 615 42.76 -21.26 -31.98
N SER B 616 43.43 -20.97 -30.86
CA SER B 616 44.62 -21.71 -30.49
C SER B 616 44.31 -23.19 -30.25
N GLN B 617 43.17 -23.49 -29.64
CA GLN B 617 42.82 -24.89 -29.36
C GLN B 617 42.18 -25.56 -30.58
N ASN B 618 42.84 -25.45 -31.73
CA ASN B 618 42.45 -26.17 -32.95
C ASN B 618 40.98 -25.93 -33.32
N ASN B 619 40.53 -24.69 -33.14
CA ASN B 619 39.14 -24.32 -33.44
C ASN B 619 38.14 -25.22 -32.70
N ASN B 620 38.55 -25.72 -31.54
CA ASN B 620 37.70 -26.55 -30.68
C ASN B 620 37.57 -25.86 -29.33
N PRO B 621 36.52 -25.10 -29.10
CA PRO B 621 36.34 -24.46 -27.78
C PRO B 621 36.26 -25.45 -26.64
N LEU B 622 35.85 -26.69 -26.90
CA LEU B 622 35.70 -27.69 -25.86
C LEU B 622 36.99 -28.47 -25.62
N ALA B 623 38.10 -28.04 -26.23
CA ALA B 623 39.36 -28.75 -26.04
C ALA B 623 39.82 -28.69 -24.58
N LEU B 624 39.69 -27.52 -23.95
CA LEU B 624 40.10 -27.34 -22.56
C LEU B 624 38.91 -27.28 -21.60
N MET B 625 37.79 -27.89 -21.98
CA MET B 625 36.62 -27.89 -21.12
C MET B 625 36.92 -28.57 -19.78
N ALA B 626 37.72 -29.63 -19.80
CA ALA B 626 38.01 -30.34 -18.56
C ALA B 626 38.88 -29.50 -17.63
N GLN B 627 39.91 -28.85 -18.19
CA GLN B 627 40.71 -27.92 -17.41
C GLN B 627 39.84 -26.82 -16.83
N TYR B 628 38.92 -26.31 -17.65
CA TYR B 628 38.07 -25.22 -17.18
C TYR B 628 37.16 -25.68 -16.05
N GLN B 629 36.61 -26.89 -16.16
CA GLN B 629 35.72 -27.38 -15.12
C GLN B 629 36.47 -27.70 -13.84
N GLN B 630 37.69 -28.22 -13.92
CA GLN B 630 38.45 -28.47 -12.71
C GLN B 630 38.86 -27.17 -12.05
N ALA B 631 39.19 -26.15 -12.85
CA ALA B 631 39.41 -24.83 -12.29
C ALA B 631 38.15 -24.29 -11.64
N ASP B 632 36.99 -24.60 -12.23
CA ASP B 632 35.72 -24.20 -11.62
C ASP B 632 35.55 -24.86 -10.27
N LEU B 633 35.86 -26.14 -10.17
CA LEU B 633 35.80 -26.83 -8.89
C LEU B 633 36.74 -26.19 -7.87
N ILE B 634 37.97 -25.90 -8.30
CA ILE B 634 38.93 -25.28 -7.39
C ILE B 634 38.43 -23.93 -6.91
N SER B 635 37.90 -23.13 -7.83
CA SER B 635 37.43 -21.80 -7.47
C SER B 635 36.20 -21.87 -6.59
N LEU B 636 35.33 -22.86 -6.82
CA LEU B 636 34.20 -23.08 -5.94
C LEU B 636 34.66 -23.40 -4.54
N GLY B 637 35.67 -24.26 -4.42
CA GLY B 637 36.21 -24.58 -3.11
C GLY B 637 36.77 -23.35 -2.41
N LYS B 638 37.52 -22.53 -3.15
CA LYS B 638 38.03 -21.30 -2.57
C LYS B 638 36.90 -20.39 -2.13
N VAL B 639 35.87 -20.25 -2.96
CA VAL B 639 34.75 -19.38 -2.64
C VAL B 639 34.06 -19.83 -1.36
N VAL B 640 33.80 -21.14 -1.26
CA VAL B 640 33.08 -21.62 -0.09
C VAL B 640 33.97 -21.58 1.15
N LEU B 641 35.29 -21.73 0.97
CA LEU B 641 36.19 -21.55 2.10
C LEU B 641 36.14 -20.12 2.61
N ALA B 642 36.11 -19.15 1.70
CA ALA B 642 35.93 -17.76 2.09
C ALA B 642 34.59 -17.57 2.80
N LEU B 643 33.55 -18.21 2.28
CA LEU B 643 32.24 -18.15 2.94
C LEU B 643 32.33 -18.66 4.37
N ALA B 644 33.05 -19.76 4.58
CA ALA B 644 33.18 -20.34 5.91
C ALA B 644 33.94 -19.41 6.84
N CYS B 645 35.03 -18.81 6.35
CA CYS B 645 35.89 -18.00 7.21
C CYS B 645 35.42 -16.55 7.36
N ASN B 646 34.41 -16.13 6.59
CA ASN B 646 33.99 -14.72 6.56
C ASN B 646 35.17 -13.80 6.28
N SER B 647 36.19 -14.33 5.61
CA SER B 647 37.42 -13.58 5.39
C SER B 647 38.09 -14.14 4.14
N LEU B 648 38.28 -13.28 3.14
CA LEU B 648 38.97 -13.72 1.93
C LEU B 648 40.44 -13.98 2.17
N ALA B 649 40.98 -13.51 3.29
CA ALA B 649 42.34 -13.87 3.65
C ALA B 649 42.47 -15.37 3.93
N GLY B 650 41.37 -16.03 4.30
CA GLY B 650 41.44 -17.45 4.58
C GLY B 650 41.83 -18.27 3.36
N ILE B 651 41.29 -17.91 2.19
CA ILE B 651 41.55 -18.70 0.99
C ILE B 651 42.99 -18.56 0.51
N GLN B 652 43.73 -17.61 1.06
CA GLN B 652 45.13 -17.48 0.72
C GLN B 652 45.89 -18.75 1.12
N ARG B 653 46.92 -19.06 0.34
CA ARG B 653 47.66 -20.29 0.57
C ARG B 653 48.29 -20.33 1.95
N GLU B 654 48.82 -19.19 2.41
CA GLU B 654 49.45 -19.15 3.73
C GLU B 654 48.45 -19.15 4.88
N ASN B 655 47.18 -18.84 4.62
CA ASN B 655 46.13 -18.96 5.63
C ASN B 655 45.27 -20.20 5.45
N LEU B 656 45.64 -21.09 4.52
CA LEU B 656 44.83 -22.26 4.26
C LEU B 656 44.75 -23.16 5.48
N GLN B 657 45.88 -23.35 6.17
CA GLN B 657 45.91 -24.22 7.34
C GLN B 657 45.08 -23.63 8.48
N LYS B 658 45.16 -22.32 8.70
CA LYS B 658 44.33 -21.70 9.72
C LYS B 658 42.85 -21.80 9.38
N ALA B 659 42.51 -21.66 8.10
CA ALA B 659 41.14 -21.85 7.67
C ALA B 659 40.67 -23.26 7.99
N MET B 660 41.50 -24.26 7.65
CA MET B 660 41.15 -25.64 7.95
C MET B 660 40.95 -25.86 9.45
N GLU B 661 41.86 -25.31 10.26
CA GLU B 661 41.77 -25.57 11.70
C GLU B 661 40.56 -24.87 12.32
N LEU B 662 40.25 -23.65 11.87
CA LEU B 662 39.06 -22.97 12.39
C LEU B 662 37.79 -23.71 11.99
N VAL B 663 37.72 -24.18 10.74
CA VAL B 663 36.54 -24.92 10.31
C VAL B 663 36.42 -26.21 11.09
N THR B 664 37.55 -26.85 11.38
CA THR B 664 37.54 -28.06 12.19
C THR B 664 37.01 -27.77 13.60
N ILE B 665 37.47 -26.67 14.20
CA ILE B 665 37.04 -26.35 15.56
C ILE B 665 35.55 -26.04 15.58
N ASN B 666 35.04 -25.35 14.55
CA ASN B 666 33.69 -24.79 14.62
C ASN B 666 32.64 -25.69 13.96
N TYR B 667 32.77 -25.95 12.67
CA TYR B 667 31.67 -26.49 11.88
C TYR B 667 31.76 -28.02 11.80
N SER B 668 31.05 -28.63 10.87
CA SER B 668 30.82 -30.07 10.87
C SER B 668 31.89 -30.84 10.10
N SER B 669 32.02 -32.11 10.48
CA SER B 669 33.01 -32.99 9.87
C SER B 669 32.74 -33.19 8.39
N ASP B 670 31.47 -33.37 8.01
CA ASP B 670 31.13 -33.44 6.59
C ASP B 670 31.57 -32.19 5.88
N LEU B 671 31.49 -31.04 6.55
CA LEU B 671 31.92 -29.79 5.95
C LEU B 671 33.43 -29.78 5.73
N LYS B 672 34.21 -30.17 6.76
CA LYS B 672 35.66 -30.19 6.57
C LYS B 672 36.05 -31.17 5.48
N ASN B 673 35.40 -32.33 5.44
CA ASN B 673 35.73 -33.34 4.43
C ASN B 673 35.39 -32.84 3.04
N LEU B 674 34.26 -32.13 2.90
CA LEU B 674 33.95 -31.53 1.60
C LEU B 674 35.01 -30.50 1.21
N ILE B 675 35.43 -29.67 2.16
CA ILE B 675 36.49 -28.70 1.87
C ILE B 675 37.74 -29.42 1.40
N LEU B 676 38.09 -30.51 2.06
CA LEU B 676 39.29 -31.26 1.70
C LEU B 676 39.17 -31.85 0.30
N TYR B 677 38.01 -32.41 -0.02
CA TYR B 677 37.80 -32.96 -1.35
C TYR B 677 37.90 -31.89 -2.42
N LEU B 678 37.21 -30.77 -2.20
CA LEU B 678 37.16 -29.73 -3.22
C LEU B 678 38.51 -29.06 -3.42
N LEU B 679 39.21 -28.74 -2.33
CA LEU B 679 40.45 -27.99 -2.46
C LEU B 679 41.63 -28.89 -2.81
N THR B 680 41.82 -29.96 -2.05
CA THR B 680 42.95 -30.84 -2.30
C THR B 680 42.76 -31.54 -3.65
N ASP B 681 43.77 -31.44 -4.50
CA ASP B 681 43.71 -32.12 -5.78
C ASP B 681 43.85 -33.61 -5.57
N GLN B 682 42.87 -34.37 -6.03
CA GLN B 682 42.81 -35.80 -5.80
C GLN B 682 43.27 -36.60 -6.99
N ASN B 683 43.93 -35.94 -7.96
CA ASN B 683 44.52 -36.60 -9.11
C ASN B 683 43.48 -37.35 -9.93
N ARG B 684 42.26 -36.83 -9.94
CA ARG B 684 41.15 -37.43 -10.66
C ARG B 684 40.26 -36.30 -11.16
N MET B 685 39.51 -36.57 -12.22
CA MET B 685 38.49 -35.61 -12.65
C MET B 685 37.35 -35.68 -11.63
N ARG B 686 37.40 -34.77 -10.65
CA ARG B 686 36.46 -34.82 -9.54
C ARG B 686 35.03 -34.64 -10.05
N SER B 687 34.13 -35.47 -9.55
CA SER B 687 32.75 -35.50 -10.01
C SER B 687 31.82 -34.91 -8.97
N VAL B 688 30.76 -34.26 -9.45
CA VAL B 688 29.78 -33.66 -8.56
C VAL B 688 29.11 -34.73 -7.71
N ASN B 689 28.77 -35.86 -8.33
CA ASN B 689 28.16 -36.97 -7.61
C ASN B 689 28.98 -37.37 -6.38
N ASP B 690 30.30 -37.19 -6.46
CA ASP B 690 31.18 -37.62 -5.37
C ASP B 690 30.90 -36.89 -4.07
N ILE B 691 30.59 -35.59 -4.13
CA ILE B 691 30.34 -34.85 -2.90
C ILE B 691 28.97 -35.11 -2.31
N MET B 692 28.09 -35.77 -3.05
CA MET B 692 26.68 -35.84 -2.64
C MET B 692 26.47 -36.49 -1.27
N PRO B 693 26.99 -37.68 -0.99
CA PRO B 693 26.60 -38.35 0.27
C PRO B 693 26.96 -37.58 1.51
N MET B 694 27.96 -36.71 1.42
CA MET B 694 28.49 -36.06 2.61
C MET B 694 27.62 -34.92 3.10
N ILE B 695 26.75 -34.37 2.25
CA ILE B 695 25.74 -33.42 2.73
C ILE B 695 24.62 -34.15 3.48
N GLY B 696 24.25 -35.33 3.03
CA GLY B 696 23.28 -36.17 3.74
C GLY B 696 21.92 -35.52 3.96
N ALA B 697 21.40 -35.68 5.18
CA ALA B 697 20.07 -35.20 5.55
C ALA B 697 19.87 -33.71 5.32
N ARG B 698 20.96 -32.94 5.33
CA ARG B 698 20.86 -31.50 5.14
C ARG B 698 20.12 -31.17 3.85
N PHE B 699 20.22 -32.06 2.85
CA PHE B 699 19.45 -31.97 1.62
C PHE B 699 17.97 -31.76 1.94
N TYR B 700 17.37 -32.74 2.61
CA TYR B 700 15.98 -32.66 3.00
C TYR B 700 15.71 -31.46 3.91
N THR B 701 16.64 -31.16 4.82
CA THR B 701 16.43 -30.00 5.70
C THR B 701 16.23 -28.72 4.89
N GLN B 702 17.02 -28.56 3.83
CA GLN B 702 16.86 -27.40 2.96
C GLN B 702 15.51 -27.44 2.28
N LEU B 703 15.15 -28.60 1.72
CA LEU B 703 13.89 -28.68 0.99
C LEU B 703 12.72 -28.30 1.91
N ASP B 704 12.74 -28.84 3.13
CA ASP B 704 11.75 -28.48 4.15
C ASP B 704 11.67 -26.97 4.38
N ALA B 705 12.82 -26.33 4.62
CA ALA B 705 12.80 -24.87 4.83
C ALA B 705 12.14 -24.17 3.65
N ALA B 706 12.46 -24.62 2.44
CA ALA B 706 11.86 -24.03 1.24
C ALA B 706 10.34 -24.15 1.28
N GLN B 707 9.85 -25.34 1.60
CA GLN B 707 8.39 -25.53 1.63
C GLN B 707 7.73 -24.67 2.70
N MET B 708 8.41 -24.44 3.83
CA MET B 708 7.86 -23.51 4.82
C MET B 708 7.73 -22.10 4.25
N ARG B 709 8.76 -21.62 3.55
CA ARG B 709 8.68 -20.30 2.93
C ARG B 709 7.52 -20.25 1.93
N ASN B 710 7.35 -21.33 1.16
CA ASN B 710 6.20 -21.46 0.26
C ASN B 710 4.89 -21.25 1.02
N ASP B 711 4.72 -21.98 2.11
CA ASP B 711 3.49 -21.91 2.90
C ASP B 711 3.27 -20.53 3.51
N VAL B 712 4.33 -19.75 3.68
CA VAL B 712 4.15 -18.35 4.09
C VAL B 712 3.56 -17.54 2.93
N ILE B 713 4.26 -17.57 1.80
CA ILE B 713 3.93 -16.66 0.70
C ILE B 713 2.52 -16.90 0.20
N GLU B 714 2.15 -18.17 0.00
CA GLU B 714 0.80 -18.47 -0.47
C GLU B 714 -0.27 -17.91 0.48
N GLU B 715 0.00 -17.95 1.78
CA GLU B 715 -0.92 -17.36 2.75
C GLU B 715 -1.08 -15.86 2.53
N ASP B 716 0.04 -15.15 2.37
CA ASP B 716 -0.03 -13.72 2.11
C ASP B 716 -0.89 -13.42 0.87
N LEU B 717 -0.69 -14.21 -0.19
CA LEU B 717 -1.53 -14.06 -1.38
C LEU B 717 -3.01 -14.21 -1.03
N ALA B 718 -3.34 -15.28 -0.29
CA ALA B 718 -4.73 -15.56 0.05
C ALA B 718 -5.35 -14.42 0.83
N LYS B 719 -4.54 -13.66 1.57
CA LYS B 719 -5.06 -12.45 2.21
C LYS B 719 -5.33 -11.37 1.18
N GLU B 720 -4.29 -10.96 0.45
CA GLU B 720 -4.36 -9.72 -0.30
C GLU B 720 -5.40 -9.79 -1.42
N VAL B 721 -5.46 -10.92 -2.14
CA VAL B 721 -6.45 -10.99 -3.22
C VAL B 721 -7.85 -10.78 -2.69
N GLN B 722 -8.16 -11.38 -1.54
CA GLN B 722 -9.48 -11.22 -0.98
C GLN B 722 -9.72 -9.75 -0.63
N ASN B 723 -8.72 -9.12 0.00
CA ASN B 723 -8.86 -7.70 0.31
C ASN B 723 -9.19 -6.86 -0.93
N GLY B 724 -8.65 -7.25 -2.08
CA GLY B 724 -8.97 -6.52 -3.30
C GLY B 724 -10.43 -6.69 -3.68
N ARG B 725 -10.92 -7.92 -3.61
CA ARG B 725 -12.33 -8.13 -3.91
C ARG B 725 -13.21 -7.32 -2.96
N LEU B 726 -12.81 -7.24 -1.69
CA LEU B 726 -13.54 -6.39 -0.75
C LEU B 726 -13.50 -4.92 -1.16
N PHE B 727 -12.35 -4.46 -1.65
CA PHE B 727 -12.25 -3.07 -2.07
C PHE B 727 -13.31 -2.74 -3.10
N ARG B 728 -13.58 -3.68 -4.01
CA ARG B 728 -14.67 -3.43 -4.95
C ARG B 728 -15.96 -3.03 -4.21
N LEU B 729 -16.30 -3.80 -3.18
CA LEU B 729 -17.47 -3.52 -2.36
C LEU B 729 -17.39 -2.11 -1.77
N LEU B 730 -16.37 -1.84 -0.95
CA LEU B 730 -16.25 -0.51 -0.35
C LEU B 730 -16.39 0.61 -1.38
N ALA B 731 -15.86 0.40 -2.59
CA ALA B 731 -16.04 1.39 -3.64
C ALA B 731 -17.53 1.60 -3.93
N LYS B 732 -18.27 0.50 -4.05
CA LYS B 732 -19.72 0.62 -4.24
C LYS B 732 -20.36 1.40 -3.09
N LEU B 733 -19.98 1.08 -1.86
CA LEU B 733 -20.48 1.82 -0.70
C LEU B 733 -20.22 3.32 -0.85
N GLY B 734 -19.01 3.66 -1.27
CA GLY B 734 -18.65 5.06 -1.43
C GLY B 734 -19.50 5.75 -2.47
N THR B 735 -19.80 5.05 -3.56
CA THR B 735 -20.61 5.71 -4.59
C THR B 735 -22.09 5.64 -4.28
N ILE B 736 -22.49 4.94 -3.24
CA ILE B 736 -23.90 4.79 -2.91
C ILE B 736 -24.33 5.73 -1.78
N ASN B 737 -23.46 5.99 -0.81
CA ASN B 737 -23.91 6.79 0.34
C ASN B 737 -24.07 8.27 -0.01
N GLU B 738 -25.17 8.84 0.48
CA GLU B 738 -25.37 10.28 0.63
C GLU B 738 -25.48 11.06 -0.68
N ARG B 739 -25.86 10.42 -1.78
CA ARG B 739 -25.92 11.19 -3.03
C ARG B 739 -27.19 12.04 -3.08
N PRO B 740 -27.11 13.26 -3.63
CA PRO B 740 -28.33 14.06 -3.83
C PRO B 740 -29.37 13.37 -4.71
N GLU B 741 -28.94 12.58 -5.70
CA GLU B 741 -29.91 11.82 -6.48
C GLU B 741 -30.57 10.75 -5.63
N PHE B 742 -29.82 10.05 -4.78
CA PHE B 742 -30.49 9.13 -3.88
C PHE B 742 -31.40 9.89 -2.91
N GLN B 743 -31.18 11.19 -2.72
CA GLN B 743 -32.12 11.95 -1.89
C GLN B 743 -33.50 11.97 -2.53
N LYS B 744 -33.55 11.84 -3.86
CA LYS B 744 -34.80 11.74 -4.60
C LYS B 744 -35.23 10.29 -4.79
N ASP B 745 -34.29 9.36 -4.70
CA ASP B 745 -34.59 7.95 -4.94
C ASP B 745 -35.39 7.39 -3.77
N PRO B 746 -36.61 6.88 -3.99
CA PRO B 746 -37.38 6.33 -2.88
C PRO B 746 -36.72 5.14 -2.19
N THR B 747 -35.90 4.39 -2.91
CA THR B 747 -35.20 3.27 -2.28
C THR B 747 -34.20 3.73 -1.24
N TRP B 748 -33.58 4.89 -1.44
CA TRP B 748 -32.68 5.42 -0.41
C TRP B 748 -33.42 5.81 0.86
N SER B 749 -34.70 6.16 0.73
CA SER B 749 -35.46 6.59 1.89
C SER B 749 -35.69 5.43 2.85
N GLU B 750 -36.26 5.74 4.01
CA GLU B 750 -36.45 4.74 5.04
C GLU B 750 -37.36 3.61 4.58
N THR B 751 -38.44 3.94 3.87
CA THR B 751 -39.30 2.89 3.32
C THR B 751 -38.60 2.08 2.25
N GLY B 752 -37.55 2.63 1.64
CA GLY B 752 -36.74 1.89 0.70
C GLY B 752 -35.62 1.11 1.37
N ASP B 753 -35.10 0.15 0.62
CA ASP B 753 -34.08 -0.75 1.16
C ASP B 753 -32.78 -0.01 1.45
N ARG B 754 -32.43 0.98 0.62
CA ARG B 754 -31.10 1.57 0.68
C ARG B 754 -30.88 2.35 1.97
N TYR B 755 -31.96 2.80 2.63
CA TYR B 755 -31.78 3.37 3.96
C TYR B 755 -31.16 2.34 4.88
N LEU B 756 -31.48 1.06 4.68
CA LEU B 756 -30.88 0.00 5.47
C LEU B 756 -29.38 -0.06 5.21
N LEU B 757 -28.96 0.11 3.97
CA LEU B 757 -27.54 0.23 3.66
C LEU B 757 -26.92 1.38 4.44
N LYS B 758 -27.60 2.54 4.42
CA LYS B 758 -27.20 3.66 5.27
C LYS B 758 -27.02 3.23 6.72
N LEU B 759 -28.02 2.57 7.25
CA LEU B 759 -27.98 2.09 8.63
C LEU B 759 -26.82 1.12 8.84
N PHE B 760 -26.56 0.25 7.87
CA PHE B 760 -25.44 -0.66 7.95
C PHE B 760 -24.13 0.09 8.04
N ARG B 761 -23.98 1.13 7.22
CA ARG B 761 -22.84 2.04 7.33
C ARG B 761 -22.72 2.58 8.75
N ASP B 762 -23.86 2.99 9.30
CA ASP B 762 -23.89 3.47 10.68
C ASP B 762 -23.38 2.40 11.63
N HIS B 763 -23.84 1.17 11.45
CA HIS B 763 -23.40 0.09 12.32
C HIS B 763 -21.93 -0.24 12.12
N LEU B 764 -21.41 0.04 10.93
CA LEU B 764 -20.03 -0.30 10.63
C LEU B 764 -19.08 0.67 11.30
N PHE B 765 -19.40 1.95 11.27
CA PHE B 765 -18.43 2.96 11.68
C PHE B 765 -18.78 3.66 12.97
N HIS B 766 -20.05 3.62 13.37
CA HIS B 766 -20.55 4.43 14.46
C HIS B 766 -20.69 3.63 15.76
N GLN B 767 -19.97 2.52 15.87
CA GLN B 767 -20.06 1.72 17.07
C GLN B 767 -19.43 2.44 18.25
N VAL B 768 -20.10 2.38 19.40
CA VAL B 768 -19.65 3.01 20.63
C VAL B 768 -19.76 2.00 21.75
N THR B 769 -19.04 2.28 22.84
CA THR B 769 -18.99 1.38 23.98
C THR B 769 -20.29 1.45 24.76
N GLU B 770 -20.35 0.71 25.87
CA GLU B 770 -21.49 0.79 26.76
C GLU B 770 -21.62 2.17 27.40
N ALA B 771 -20.53 2.92 27.48
CA ALA B 771 -20.55 4.29 27.95
C ALA B 771 -20.78 5.29 26.82
N GLY B 772 -20.82 4.82 25.57
CA GLY B 772 -21.03 5.69 24.43
C GLY B 772 -19.76 6.21 23.79
N ALA B 773 -18.59 5.94 24.38
CA ALA B 773 -17.34 6.40 23.79
C ALA B 773 -17.12 5.73 22.44
N PRO B 774 -16.56 6.43 21.46
CA PRO B 774 -16.40 5.84 20.13
C PRO B 774 -15.55 4.57 20.19
N TRP B 775 -15.94 3.58 19.40
CA TRP B 775 -15.22 2.32 19.33
C TRP B 775 -14.62 2.20 17.94
N ILE B 776 -13.30 2.30 17.86
CA ILE B 776 -12.56 2.14 16.62
C ILE B 776 -11.82 0.81 16.68
N ASP B 777 -12.15 -0.09 15.76
CA ASP B 777 -11.56 -1.42 15.72
C ASP B 777 -11.79 -2.01 14.34
N LEU B 778 -10.71 -2.47 13.70
CA LEU B 778 -10.82 -2.98 12.35
C LEU B 778 -11.60 -4.29 12.31
N SER B 779 -11.58 -5.05 13.41
CA SER B 779 -12.00 -6.43 13.36
C SER B 779 -13.51 -6.56 13.18
N HIS B 780 -14.27 -5.74 13.90
CA HIS B 780 -15.71 -5.69 13.69
C HIS B 780 -16.01 -5.42 12.23
N ILE B 781 -15.34 -4.42 11.67
CA ILE B 781 -15.62 -4.01 10.30
C ILE B 781 -15.32 -5.15 9.36
N ILE B 782 -14.16 -5.77 9.51
CA ILE B 782 -13.75 -6.80 8.57
C ILE B 782 -14.66 -8.01 8.67
N SER B 783 -15.02 -8.41 9.89
CA SER B 783 -15.90 -9.56 10.04
C SER B 783 -17.27 -9.29 9.43
N CYS B 784 -17.85 -8.12 9.71
CA CYS B 784 -19.17 -7.82 9.17
C CYS B 784 -19.15 -7.74 7.66
N LEU B 785 -18.09 -7.17 7.10
CA LEU B 785 -18.01 -7.10 5.64
C LEU B 785 -17.76 -8.46 5.01
N ASN B 786 -17.02 -9.35 5.67
CA ASN B 786 -16.94 -10.71 5.17
C ASN B 786 -18.31 -11.38 5.22
N LYS B 787 -19.05 -11.17 6.29
CA LYS B 787 -20.42 -11.70 6.33
C LYS B 787 -21.25 -11.14 5.18
N LEU B 788 -21.07 -9.85 4.89
CA LEU B 788 -21.84 -9.23 3.82
C LEU B 788 -21.49 -9.78 2.45
N ASP B 789 -20.20 -9.79 2.10
CA ASP B 789 -19.84 -10.24 0.76
C ASP B 789 -20.10 -11.74 0.60
N ALA B 790 -19.94 -12.52 1.67
CA ALA B 790 -20.26 -13.94 1.58
C ALA B 790 -21.76 -14.17 1.59
N GLY B 791 -22.54 -13.16 1.96
CA GLY B 791 -23.99 -13.30 2.00
C GLY B 791 -24.38 -14.38 2.98
N VAL B 792 -23.79 -14.35 4.16
CA VAL B 792 -23.97 -15.41 5.14
C VAL B 792 -25.42 -15.44 5.58
N PRO B 793 -25.98 -16.61 5.86
CA PRO B 793 -27.35 -16.68 6.39
C PRO B 793 -27.47 -16.11 7.79
N GLU B 794 -26.36 -15.89 8.48
CA GLU B 794 -26.41 -15.26 9.79
C GLU B 794 -27.12 -13.92 9.69
N LYS B 795 -28.05 -13.69 10.60
CA LYS B 795 -28.87 -12.50 10.56
C LYS B 795 -28.10 -11.30 11.10
N ILE B 796 -28.69 -10.12 10.92
CA ILE B 796 -28.13 -8.89 11.44
C ILE B 796 -29.27 -7.92 11.76
N SER B 797 -29.40 -7.57 13.03
CA SER B 797 -30.40 -6.63 13.49
C SER B 797 -29.87 -5.21 13.29
N LEU B 798 -30.58 -4.42 12.51
CA LEU B 798 -30.22 -3.04 12.20
C LEU B 798 -31.24 -2.12 12.87
N ILE B 799 -30.77 -1.30 13.80
CA ILE B 799 -31.64 -0.40 14.54
C ILE B 799 -31.50 1.00 13.93
N SER B 800 -32.63 1.61 13.60
CA SER B 800 -32.64 2.81 12.78
C SER B 800 -31.97 3.99 13.49
N ARG B 801 -31.62 5.00 12.69
CA ARG B 801 -30.96 6.20 13.23
C ARG B 801 -31.86 6.90 14.23
N ASP B 802 -33.14 7.05 13.90
CA ASP B 802 -34.11 7.66 14.78
C ASP B 802 -34.57 6.72 15.89
N GLU B 803 -33.92 5.56 16.04
CA GLU B 803 -34.07 4.69 17.19
C GLU B 803 -35.48 4.14 17.35
N LYS B 804 -36.27 4.08 16.27
CA LYS B 804 -37.63 3.57 16.38
C LYS B 804 -37.70 2.06 16.19
N SER B 805 -37.11 1.54 15.13
CA SER B 805 -37.32 0.15 14.71
C SER B 805 -36.01 -0.61 14.64
N VAL B 806 -36.13 -1.92 14.79
CA VAL B 806 -35.03 -2.85 14.57
C VAL B 806 -35.46 -3.82 13.49
N LEU B 807 -34.64 -3.97 12.46
CA LEU B 807 -34.93 -4.82 11.32
C LEU B 807 -33.95 -5.98 11.31
N VAL B 808 -34.46 -7.20 11.23
CA VAL B 808 -33.60 -8.37 11.15
C VAL B 808 -33.49 -8.75 9.68
N VAL B 809 -32.27 -8.72 9.15
CA VAL B 809 -32.06 -9.07 7.75
C VAL B 809 -30.83 -9.96 7.67
N THR B 810 -30.91 -10.97 6.81
CA THR B 810 -29.73 -11.78 6.54
C THR B 810 -28.69 -10.97 5.77
N TYR B 811 -27.43 -11.33 5.99
CA TYR B 811 -26.36 -10.70 5.23
C TYR B 811 -26.51 -10.99 3.75
N SER B 812 -27.15 -12.10 3.40
CA SER B 812 -27.45 -12.38 2.00
C SER B 812 -28.40 -11.34 1.43
N ASP B 813 -29.46 -11.00 2.19
CA ASP B 813 -30.40 -10.00 1.72
C ASP B 813 -29.74 -8.62 1.65
N LEU B 814 -28.93 -8.28 2.65
CA LEU B 814 -28.20 -7.02 2.61
C LEU B 814 -27.29 -6.95 1.39
N LYS B 815 -26.56 -8.03 1.10
CA LYS B 815 -25.69 -8.04 -0.08
C LYS B 815 -26.50 -7.92 -1.35
N ARG B 816 -27.64 -8.60 -1.42
CA ARG B 816 -28.47 -8.56 -2.62
C ARG B 816 -28.99 -7.15 -2.88
N CYS B 817 -29.55 -6.52 -1.86
CA CYS B 817 -30.05 -5.15 -2.02
C CYS B 817 -28.92 -4.18 -2.35
N PHE B 818 -27.77 -4.34 -1.69
CA PHE B 818 -26.64 -3.44 -1.94
C PHE B 818 -26.12 -3.59 -3.36
N GLU B 819 -26.02 -4.83 -3.83
CA GLU B 819 -25.60 -5.08 -5.21
C GLU B 819 -26.59 -4.48 -6.20
N ASN B 820 -27.88 -4.65 -5.95
CA ASN B 820 -28.89 -4.06 -6.81
C ASN B 820 -28.75 -2.55 -6.83
N THR B 821 -28.55 -1.94 -5.66
CA THR B 821 -28.33 -0.50 -5.56
C THR B 821 -27.17 -0.06 -6.44
N PHE B 822 -26.02 -0.72 -6.27
CA PHE B 822 -24.82 -0.31 -7.00
C PHE B 822 -25.01 -0.50 -8.50
N GLN B 823 -25.59 -1.62 -8.93
CA GLN B 823 -25.72 -1.88 -10.35
C GLN B 823 -26.71 -0.92 -11.01
N GLU B 824 -27.82 -0.61 -10.32
CA GLU B 824 -28.74 0.38 -10.85
C GLU B 824 -28.09 1.75 -10.93
N LEU B 825 -27.31 2.11 -9.91
CA LEU B 825 -26.61 3.39 -9.93
C LEU B 825 -25.61 3.47 -11.09
N ILE B 826 -24.87 2.40 -11.32
CA ILE B 826 -23.89 2.40 -12.41
C ILE B 826 -24.59 2.44 -13.76
N ALA B 827 -25.70 1.71 -13.90
CA ALA B 827 -26.46 1.78 -15.15
C ALA B 827 -26.99 3.19 -15.39
N ALA B 828 -27.50 3.84 -14.36
CA ALA B 828 -27.96 5.21 -14.50
C ALA B 828 -26.81 6.14 -14.88
N ALA B 829 -25.65 5.97 -14.26
CA ALA B 829 -24.50 6.84 -14.53
C ALA B 829 -24.01 6.64 -15.96
N ASN B 830 -23.99 5.40 -16.44
CA ASN B 830 -23.63 5.12 -17.82
C ASN B 830 -24.72 5.51 -18.80
N GLY B 831 -25.93 5.76 -18.32
CA GLY B 831 -27.03 6.08 -19.20
C GLY B 831 -27.79 4.88 -19.72
N GLN B 832 -27.45 3.67 -19.25
CA GLN B 832 -28.25 2.49 -19.60
C GLN B 832 -29.65 2.57 -19.02
N LEU B 833 -29.85 3.38 -17.99
CA LEU B 833 -31.19 3.64 -17.44
C LEU B 833 -31.73 4.93 -18.02
N GLY C 60 -4.17 58.67 -19.22
CA GLY C 60 -4.65 59.34 -18.01
C GLY C 60 -6.16 59.36 -17.91
N VAL C 61 -6.83 58.73 -18.87
CA VAL C 61 -8.29 58.68 -18.92
C VAL C 61 -8.73 57.24 -18.66
N TYR C 62 -9.43 57.03 -17.56
CA TYR C 62 -9.90 55.71 -17.17
C TYR C 62 -11.28 55.46 -17.76
N SER C 63 -11.44 54.32 -18.43
CA SER C 63 -12.72 53.94 -19.02
C SER C 63 -13.09 52.53 -18.59
N GLU C 64 -14.36 52.19 -18.81
CA GLU C 64 -14.89 50.91 -18.36
C GLU C 64 -14.09 49.76 -18.97
N LEU C 65 -13.59 48.87 -18.12
CA LEU C 65 -12.99 47.64 -18.61
C LEU C 65 -13.92 46.47 -18.35
N HIS C 66 -14.35 46.24 -17.10
CA HIS C 66 -15.25 45.12 -16.86
C HIS C 66 -16.03 45.38 -15.57
N SER C 67 -17.20 44.75 -15.48
CA SER C 67 -18.02 44.83 -14.28
C SER C 67 -18.48 43.41 -13.94
N VAL C 68 -18.45 43.09 -12.64
CA VAL C 68 -18.77 41.75 -12.17
C VAL C 68 -19.65 41.85 -10.93
N VAL C 69 -20.36 40.75 -10.64
CA VAL C 69 -21.21 40.65 -9.45
C VAL C 69 -20.54 39.72 -8.46
N ALA C 70 -20.06 40.27 -7.33
CA ALA C 70 -19.52 39.40 -6.29
C ALA C 70 -20.63 38.62 -5.60
N GLU C 71 -21.76 39.27 -5.32
CA GLU C 71 -22.91 38.61 -4.73
C GLU C 71 -24.17 39.38 -5.12
N VAL C 72 -25.17 38.66 -5.61
CA VAL C 72 -26.39 39.31 -6.05
C VAL C 72 -27.19 39.78 -4.85
N GLY C 73 -27.61 41.05 -4.87
CA GLY C 73 -28.47 41.59 -3.84
C GLY C 73 -27.80 41.83 -2.51
N VAL C 74 -26.53 41.49 -2.36
CA VAL C 74 -25.79 41.72 -1.12
C VAL C 74 -24.71 42.75 -1.42
N PRO C 75 -24.72 43.91 -0.77
CA PRO C 75 -23.80 44.98 -1.16
C PRO C 75 -22.35 44.59 -0.91
N VAL C 76 -21.47 45.11 -1.75
CA VAL C 76 -20.05 45.06 -1.44
C VAL C 76 -19.80 45.92 -0.21
N SER C 77 -19.17 45.34 0.79
CA SER C 77 -18.90 46.06 2.02
C SER C 77 -17.45 46.52 2.10
N VAL C 78 -16.55 45.86 1.36
CA VAL C 78 -15.19 46.37 1.23
C VAL C 78 -14.50 45.64 0.07
N SER C 79 -13.57 46.32 -0.59
CA SER C 79 -12.80 45.75 -1.69
C SER C 79 -11.33 46.12 -1.53
N HIS C 80 -10.45 45.28 -2.06
CA HIS C 80 -9.01 45.46 -1.85
C HIS C 80 -8.23 44.69 -2.91
N PHE C 81 -7.53 45.41 -3.77
CA PHE C 81 -6.65 44.76 -4.72
C PHE C 81 -5.49 44.12 -3.97
N ASP C 82 -5.05 42.94 -4.42
CA ASP C 82 -3.89 42.30 -3.82
C ASP C 82 -2.63 42.92 -4.44
N LEU C 83 -1.75 43.44 -3.59
CA LEU C 83 -0.56 44.11 -4.08
C LEU C 83 0.54 43.14 -4.49
N HIS C 84 0.40 41.87 -4.17
CA HIS C 84 1.40 40.87 -4.51
C HIS C 84 1.11 40.14 -5.81
N GLU C 85 -0.17 40.03 -6.19
CA GLU C 85 -0.57 39.33 -7.40
C GLU C 85 -1.61 40.14 -8.15
N GLU C 86 -1.96 39.67 -9.35
CA GLU C 86 -2.99 40.32 -10.15
C GLU C 86 -4.38 39.88 -9.65
N MET C 87 -4.61 40.14 -8.37
CA MET C 87 -5.80 39.68 -7.69
C MET C 87 -6.57 40.86 -7.14
N LEU C 88 -7.83 40.62 -6.82
CA LEU C 88 -8.66 41.63 -6.18
C LEU C 88 -9.60 40.86 -5.26
N TRP C 89 -9.89 41.41 -4.09
CA TRP C 89 -10.71 40.74 -3.11
C TRP C 89 -11.94 41.58 -2.83
N VAL C 90 -13.12 40.97 -2.87
CA VAL C 90 -14.36 41.67 -2.64
C VAL C 90 -15.12 40.95 -1.53
N GLY C 91 -15.44 41.68 -0.46
CA GLY C 91 -16.24 41.15 0.63
C GLY C 91 -17.57 41.89 0.69
N SER C 92 -18.63 41.12 0.81
CA SER C 92 -19.99 41.63 0.90
C SER C 92 -20.39 41.82 2.36
N HIS C 93 -21.47 42.56 2.57
CA HIS C 93 -21.94 42.79 3.93
C HIS C 93 -22.49 41.53 4.57
N GLY C 94 -22.86 40.53 3.76
CA GLY C 94 -23.46 39.31 4.25
C GLY C 94 -22.50 38.26 4.77
N GLY C 95 -21.20 38.47 4.62
CA GLY C 95 -20.23 37.53 5.13
C GLY C 95 -19.64 36.57 4.10
N HIS C 96 -19.82 36.81 2.81
CA HIS C 96 -19.27 35.96 1.76
C HIS C 96 -18.24 36.75 0.98
N ALA C 97 -17.06 36.17 0.78
CA ALA C 97 -15.94 36.84 0.15
C ALA C 97 -15.50 36.08 -1.10
N THR C 98 -14.99 36.83 -2.07
CA THR C 98 -14.55 36.24 -3.34
C THR C 98 -13.36 37.01 -3.89
N SER C 99 -12.36 36.27 -4.35
CA SER C 99 -11.22 36.86 -5.03
C SER C 99 -11.34 36.67 -6.54
N PHE C 100 -10.77 37.61 -7.28
CA PHE C 100 -10.81 37.58 -8.73
C PHE C 100 -9.43 37.86 -9.31
N PHE C 101 -9.17 37.22 -10.45
CA PHE C 101 -7.90 37.26 -11.15
C PHE C 101 -8.04 38.07 -12.43
N GLY C 102 -7.07 38.97 -12.66
CA GLY C 102 -6.84 39.55 -13.95
C GLY C 102 -7.96 40.43 -14.48
N PRO C 103 -7.73 41.03 -15.65
CA PRO C 103 -8.82 41.76 -16.31
C PRO C 103 -9.99 40.87 -16.70
N ALA C 104 -9.72 39.57 -16.92
CA ALA C 104 -10.76 38.61 -17.23
C ALA C 104 -11.70 38.37 -16.06
N LEU C 105 -11.52 39.08 -14.95
CA LEU C 105 -12.42 39.07 -13.79
C LEU C 105 -12.68 37.67 -13.25
N GLU C 106 -11.77 36.72 -13.51
CA GLU C 106 -12.11 35.33 -13.26
C GLU C 106 -12.11 35.00 -11.78
N ARG C 107 -13.13 34.27 -11.34
CA ARG C 107 -13.24 33.91 -9.93
C ARG C 107 -12.11 32.96 -9.56
N TYR C 108 -11.37 33.30 -8.51
CA TYR C 108 -10.32 32.44 -7.97
C TYR C 108 -10.85 31.55 -6.85
N SER C 109 -11.29 32.17 -5.76
CA SER C 109 -11.83 31.45 -4.62
C SER C 109 -13.02 32.23 -4.08
N SER C 110 -13.93 31.53 -3.43
CA SER C 110 -15.18 32.10 -2.97
C SER C 110 -15.65 31.27 -1.78
N PHE C 111 -15.94 31.93 -0.68
CA PHE C 111 -16.40 31.22 0.51
C PHE C 111 -16.93 32.20 1.54
N GLN C 112 -17.66 31.67 2.52
CA GLN C 112 -18.24 32.46 3.59
C GLN C 112 -17.20 32.65 4.69
N VAL C 113 -16.77 33.89 4.90
CA VAL C 113 -15.73 34.13 5.89
C VAL C 113 -16.30 34.12 7.30
N ASN C 114 -17.47 34.72 7.50
CA ASN C 114 -18.14 34.71 8.79
C ASN C 114 -19.64 34.85 8.55
N GLY C 115 -20.41 34.23 9.44
CA GLY C 115 -21.84 34.14 9.21
C GLY C 115 -22.62 35.40 9.48
N SER C 116 -22.11 36.25 10.35
CA SER C 116 -22.88 37.41 10.81
C SER C 116 -22.21 38.74 10.54
N ASP C 117 -20.92 38.86 10.79
CA ASP C 117 -20.26 40.15 10.74
C ASP C 117 -19.91 40.50 9.30
N ASP C 118 -20.26 41.72 8.89
CA ASP C 118 -19.89 42.19 7.56
C ASP C 118 -18.39 42.43 7.49
N ILE C 119 -17.87 42.38 6.27
CA ILE C 119 -16.44 42.52 6.05
C ILE C 119 -16.12 44.00 5.79
N ARG C 120 -15.15 44.53 6.54
CA ARG C 120 -14.87 45.96 6.49
C ARG C 120 -13.47 46.31 6.04
N GLN C 121 -12.53 45.36 6.02
CA GLN C 121 -11.24 45.64 5.41
C GLN C 121 -10.53 44.34 5.06
N ILE C 122 -9.87 44.37 3.90
CA ILE C 122 -9.08 43.25 3.39
C ILE C 122 -7.65 43.73 3.23
N GLN C 123 -6.72 42.96 3.76
CA GLN C 123 -5.30 43.31 3.69
C GLN C 123 -4.55 42.19 2.97
N SER C 124 -3.83 42.55 1.92
CA SER C 124 -3.06 41.57 1.16
C SER C 124 -1.66 41.50 1.75
N LEU C 125 -1.26 40.30 2.16
CA LEU C 125 0.08 40.05 2.65
C LEU C 125 0.81 39.10 1.72
N GLU C 126 2.12 38.97 1.94
CA GLU C 126 2.94 38.11 1.11
C GLU C 126 2.49 36.66 1.24
N ASN C 127 2.11 36.26 2.45
CA ASN C 127 1.84 34.86 2.75
C ASN C 127 0.36 34.51 2.71
N GLY C 128 -0.53 35.48 2.67
CA GLY C 128 -1.95 35.17 2.72
C GLY C 128 -2.80 36.41 2.65
N ILE C 129 -4.06 36.25 3.09
CA ILE C 129 -5.07 37.30 3.02
C ILE C 129 -5.64 37.52 4.42
N LEU C 130 -5.76 38.79 4.82
CA LEU C 130 -6.36 39.17 6.09
C LEU C 130 -7.77 39.70 5.83
N PHE C 131 -8.77 39.07 6.46
CA PHE C 131 -10.16 39.48 6.37
C PHE C 131 -10.60 40.09 7.68
N LEU C 132 -11.35 41.18 7.60
CA LEU C 132 -11.78 41.96 8.74
C LEU C 132 -13.30 41.96 8.81
N THR C 133 -13.84 41.59 9.97
CA THR C 133 -15.28 41.66 10.18
C THR C 133 -15.58 42.47 11.44
N LYS C 134 -16.83 42.45 11.87
CA LYS C 134 -17.20 43.22 13.06
C LYS C 134 -16.56 42.67 14.33
N ASN C 135 -16.39 41.35 14.41
CA ASN C 135 -15.93 40.75 15.66
C ASN C 135 -14.88 39.66 15.45
N ASN C 136 -14.05 39.79 14.42
CA ASN C 136 -13.08 38.74 14.14
C ASN C 136 -11.98 39.30 13.25
N LEU C 137 -10.84 38.61 13.22
CA LEU C 137 -9.77 38.87 12.26
C LEU C 137 -9.25 37.52 11.76
N LYS C 138 -9.37 37.27 10.46
CA LYS C 138 -9.05 35.95 9.93
C LYS C 138 -7.89 36.05 8.95
N TYR C 139 -6.77 35.42 9.26
CA TYR C 139 -5.65 35.30 8.33
C TYR C 139 -5.75 33.93 7.69
N MET C 140 -5.92 33.89 6.38
CA MET C 140 -6.21 32.65 5.70
C MET C 140 -5.39 32.58 4.41
N ALA C 141 -5.09 31.36 3.98
CA ALA C 141 -4.37 31.12 2.75
C ALA C 141 -5.25 31.47 1.55
N ARG C 142 -4.60 31.72 0.42
CA ARG C 142 -5.32 32.12 -0.79
C ARG C 142 -6.27 31.04 -1.26
N GLY C 143 -5.95 29.77 -0.99
CA GLY C 143 -6.82 28.69 -1.38
C GLY C 143 -7.94 28.38 -0.40
N GLY C 144 -7.92 29.00 0.77
CA GLY C 144 -8.98 28.84 1.75
C GLY C 144 -8.59 28.16 3.04
N LEU C 145 -7.36 27.65 3.16
CA LEU C 145 -6.92 27.08 4.42
C LEU C 145 -6.73 28.18 5.46
N ILE C 146 -7.27 27.97 6.65
CA ILE C 146 -7.17 28.98 7.69
C ILE C 146 -5.76 29.00 8.26
N ILE C 147 -5.13 30.16 8.26
CA ILE C 147 -3.82 30.31 8.88
C ILE C 147 -3.98 30.54 10.38
N PHE C 148 -4.62 31.63 10.75
CA PHE C 148 -4.99 31.83 12.15
C PHE C 148 -6.28 32.63 12.20
N ASP C 149 -6.94 32.56 13.35
CA ASP C 149 -8.26 33.16 13.54
C ASP C 149 -8.26 33.85 14.88
N TYR C 150 -8.04 35.17 14.89
CA TYR C 150 -7.96 35.95 16.11
C TYR C 150 -9.32 36.58 16.35
N LEU C 151 -10.04 36.05 17.34
CA LEU C 151 -11.35 36.57 17.67
C LEU C 151 -11.21 37.84 18.50
N LEU C 152 -11.90 38.88 18.08
CA LEU C 152 -11.83 40.17 18.75
C LEU C 152 -12.97 40.31 19.76
N ASP C 153 -12.81 41.29 20.64
CA ASP C 153 -13.85 41.56 21.64
C ASP C 153 -15.14 41.99 20.96
N GLU C 154 -16.26 41.41 21.41
CA GLU C 154 -17.55 41.80 20.86
C GLU C 154 -17.86 43.26 21.14
N ASN C 155 -17.27 43.82 22.20
CA ASN C 155 -17.47 45.21 22.58
C ASN C 155 -16.72 46.19 21.68
N GLU C 156 -15.99 45.72 20.70
CA GLU C 156 -15.21 46.58 19.81
C GLU C 156 -15.84 46.54 18.42
N ASP C 157 -16.25 47.70 17.92
CA ASP C 157 -16.79 47.81 16.57
C ASP C 157 -15.61 47.89 15.61
N MET C 158 -15.06 46.72 15.30
CA MET C 158 -13.87 46.63 14.48
C MET C 158 -14.13 47.14 13.06
N HIS C 159 -13.35 48.12 12.62
CA HIS C 159 -13.59 48.72 11.31
C HIS C 159 -12.36 48.88 10.43
N SER C 160 -11.23 49.29 11.01
CA SER C 160 -10.09 49.77 10.23
C SER C 160 -8.84 48.92 10.44
N LEU C 161 -8.23 48.50 9.33
CA LEU C 161 -6.95 47.82 9.34
C LEU C 161 -5.83 48.76 8.90
N LEU C 162 -4.60 48.39 9.22
CA LEU C 162 -3.43 49.15 8.78
C LEU C 162 -2.24 48.21 8.82
N LEU C 163 -1.75 47.80 7.66
CA LEU C 163 -0.59 46.92 7.58
C LEU C 163 0.67 47.79 7.65
N THR C 164 1.13 48.03 8.87
CA THR C 164 2.35 48.81 9.06
C THR C 164 3.54 48.12 8.42
N ASP C 165 3.63 46.81 8.59
CA ASP C 165 4.72 46.02 8.01
C ASP C 165 4.21 44.61 7.78
N SER C 166 5.14 43.68 7.53
CA SER C 166 4.75 42.33 7.13
C SER C 166 4.13 41.53 8.26
N SER C 167 4.29 41.95 9.53
CA SER C 167 3.85 41.14 10.65
C SER C 167 3.06 41.89 11.71
N THR C 168 2.89 43.20 11.58
CA THR C 168 2.21 44.02 12.57
C THR C 168 0.99 44.68 11.96
N LEU C 169 -0.13 44.64 12.67
CA LEU C 169 -1.39 45.17 12.16
C LEU C 169 -2.03 46.07 13.21
N LEU C 170 -2.46 47.25 12.78
CA LEU C 170 -3.19 48.17 13.64
C LEU C 170 -4.68 48.07 13.33
N VAL C 171 -5.46 47.73 14.35
CA VAL C 171 -6.89 47.47 14.20
C VAL C 171 -7.64 48.45 15.08
N GLY C 172 -8.68 49.08 14.53
CA GLY C 172 -9.45 50.04 15.29
C GLY C 172 -10.85 50.15 14.75
N GLY C 173 -11.64 51.02 15.37
CA GLY C 173 -13.00 51.21 14.92
C GLY C 173 -13.76 52.23 15.72
N LEU C 174 -15.05 51.97 15.93
CA LEU C 174 -15.87 52.88 16.72
C LEU C 174 -15.48 52.87 18.19
N GLN C 175 -14.66 51.93 18.61
CA GLN C 175 -14.14 51.93 19.97
C GLN C 175 -13.12 53.05 20.15
N ASN C 176 -12.82 53.35 21.42
CA ASN C 176 -11.84 54.39 21.75
C ASN C 176 -10.44 53.85 21.90
N HIS C 177 -10.11 52.75 21.22
CA HIS C 177 -8.79 52.17 21.35
C HIS C 177 -8.40 51.49 20.04
N ILE C 178 -7.09 51.44 19.79
CA ILE C 178 -6.52 50.79 18.62
C ILE C 178 -5.56 49.72 19.10
N LEU C 179 -5.79 48.49 18.67
CA LEU C 179 -4.98 47.37 19.08
C LEU C 179 -3.88 47.13 18.04
N GLU C 180 -2.64 47.06 18.50
CA GLU C 180 -1.51 46.68 17.68
C GLU C 180 -1.28 45.20 17.92
N ILE C 181 -1.36 44.40 16.86
CA ILE C 181 -1.34 42.95 16.98
C ILE C 181 -0.24 42.37 16.09
N ASP C 182 0.52 41.42 16.64
CA ASP C 182 1.49 40.66 15.87
C ASP C 182 0.78 39.44 15.30
N LEU C 183 0.84 39.30 13.97
CA LEU C 183 0.07 38.28 13.27
C LEU C 183 0.64 36.88 13.44
N ASN C 184 1.96 36.75 13.30
CA ASN C 184 2.56 35.41 13.39
C ASN C 184 2.34 34.79 14.76
N THR C 185 2.47 35.60 15.82
CA THR C 185 2.13 35.13 17.15
C THR C 185 0.63 35.06 17.38
N VAL C 186 -0.15 35.78 16.56
CA VAL C 186 -1.60 35.87 16.70
C VAL C 186 -1.92 36.48 18.06
N GLN C 187 -1.15 37.50 18.46
CA GLN C 187 -1.36 38.08 19.79
C GLN C 187 -1.34 39.61 19.71
N GLU C 188 -2.21 40.23 20.49
CA GLU C 188 -2.16 41.68 20.65
C GLU C 188 -0.94 42.07 21.48
N THR C 189 -0.08 42.89 20.90
CA THR C 189 1.14 43.34 21.57
C THR C 189 1.00 44.72 22.19
N GLN C 190 0.10 45.57 21.67
CA GLN C 190 -0.06 46.90 22.25
C GLN C 190 -1.52 47.33 22.18
N LYS C 191 -1.90 48.22 23.09
CA LYS C 191 -3.23 48.83 23.12
C LYS C 191 -3.10 50.34 23.32
N TYR C 192 -3.46 51.13 22.31
CA TYR C 192 -3.32 52.57 22.39
C TYR C 192 -4.68 53.24 22.50
N ALA C 193 -4.84 54.10 23.51
CA ALA C 193 -6.08 54.81 23.73
C ALA C 193 -6.24 55.95 22.74
N VAL C 194 -7.49 56.24 22.38
CA VAL C 194 -7.83 57.33 21.47
C VAL C 194 -8.82 58.25 22.17
N GLU C 195 -8.49 59.53 22.25
CA GLU C 195 -9.39 60.49 22.90
C GLU C 195 -10.66 60.72 22.10
N THR C 196 -10.66 60.41 20.80
CA THR C 196 -11.82 60.60 19.94
C THR C 196 -12.15 59.26 19.28
N PRO C 197 -13.04 58.47 19.87
CA PRO C 197 -13.45 57.22 19.23
C PRO C 197 -14.23 57.48 17.95
N GLY C 198 -14.16 56.52 17.04
CA GLY C 198 -14.83 56.64 15.76
C GLY C 198 -13.86 56.69 14.60
N VAL C 199 -12.69 56.07 14.78
CA VAL C 199 -11.63 56.06 13.77
C VAL C 199 -11.95 54.94 12.78
N THR C 200 -12.57 55.28 11.65
CA THR C 200 -12.93 54.28 10.66
C THR C 200 -11.99 54.28 9.45
N ILE C 201 -11.22 55.34 9.24
CA ILE C 201 -10.26 55.41 8.14
C ILE C 201 -8.87 55.54 8.74
N MET C 202 -7.94 54.70 8.28
CA MET C 202 -6.60 54.65 8.82
C MET C 202 -5.60 54.61 7.67
N ARG C 203 -4.64 55.53 7.68
CA ARG C 203 -3.61 55.57 6.65
C ARG C 203 -2.26 55.86 7.28
N GLN C 204 -1.21 55.37 6.63
CA GLN C 204 0.15 55.54 7.13
C GLN C 204 1.04 55.97 5.98
N THR C 205 1.78 57.05 6.19
CA THR C 205 2.82 57.48 5.26
C THR C 205 4.15 57.47 6.00
N ASN C 206 5.19 57.99 5.33
CA ASN C 206 6.53 57.98 5.91
C ASN C 206 6.67 58.94 7.09
N ARG C 207 5.68 59.77 7.34
CA ARG C 207 5.79 60.82 8.35
C ARG C 207 4.87 60.60 9.55
N PHE C 208 3.59 60.33 9.33
CA PHE C 208 2.63 60.31 10.43
C PHE C 208 1.55 59.29 10.16
N PHE C 209 0.86 58.92 11.25
CA PHE C 209 -0.37 58.15 11.15
C PHE C 209 -1.53 59.10 10.95
N PHE C 210 -2.34 58.82 9.93
CA PHE C 210 -3.45 59.68 9.54
C PHE C 210 -4.74 58.96 9.91
N CYS C 211 -5.43 59.46 10.93
CA CYS C 211 -6.65 58.84 11.44
C CYS C 211 -7.82 59.74 11.09
N GLY C 212 -8.78 59.19 10.34
CA GLY C 212 -10.02 59.90 10.07
C GLY C 212 -11.07 59.49 11.07
N HIS C 213 -11.73 60.48 11.68
CA HIS C 213 -12.72 60.24 12.72
C HIS C 213 -14.11 60.58 12.19
N THR C 214 -15.10 59.83 12.67
CA THR C 214 -16.49 60.06 12.27
C THR C 214 -17.01 61.40 12.76
N SER C 215 -16.30 62.07 13.67
CA SER C 215 -16.66 63.41 14.10
C SER C 215 -16.35 64.47 13.04
N GLY C 216 -15.69 64.09 11.95
CA GLY C 216 -15.28 65.03 10.94
C GLY C 216 -13.86 65.55 11.08
N LYS C 217 -13.06 64.94 11.93
CA LYS C 217 -11.68 65.38 12.16
C LYS C 217 -10.69 64.42 11.52
N VAL C 218 -9.49 64.93 11.29
CA VAL C 218 -8.34 64.13 10.86
C VAL C 218 -7.20 64.41 11.83
N SER C 219 -6.66 63.35 12.43
CA SER C 219 -5.59 63.46 13.40
C SER C 219 -4.31 62.90 12.80
N LEU C 220 -3.24 63.70 12.86
CA LEU C 220 -1.90 63.27 12.49
C LEU C 220 -1.14 62.94 13.77
N ARG C 221 -0.68 61.69 13.85
CA ARG C 221 -0.07 61.17 15.07
C ARG C 221 1.36 60.72 14.76
N ASP C 222 2.19 60.74 15.79
CA ASP C 222 3.57 60.30 15.62
C ASP C 222 3.60 58.82 15.29
N LEU C 223 4.48 58.45 14.35
CA LEU C 223 4.54 57.07 13.88
C LEU C 223 5.07 56.11 14.94
N ARG C 224 5.65 56.62 16.02
CA ARG C 224 6.23 55.78 17.07
C ARG C 224 5.39 55.76 18.34
N THR C 225 5.12 56.93 18.92
CA THR C 225 4.41 57.03 20.18
C THR C 225 2.90 57.14 20.01
N PHE C 226 2.42 57.37 18.79
CA PHE C 226 1.00 57.39 18.46
C PHE C 226 0.28 58.60 19.06
N LYS C 227 0.99 59.40 19.85
CA LYS C 227 0.36 60.53 20.50
C LYS C 227 -0.09 61.56 19.47
N VAL C 228 -1.22 62.20 19.76
CA VAL C 228 -1.79 63.16 18.81
C VAL C 228 -0.87 64.35 18.70
N GLU C 229 -0.35 64.59 17.50
CA GLU C 229 0.53 65.72 17.23
C GLU C 229 -0.19 66.87 16.55
N HIS C 230 -1.11 66.57 15.64
CA HIS C 230 -1.80 67.60 14.89
C HIS C 230 -3.24 67.19 14.66
N GLU C 231 -4.11 68.18 14.51
CA GLU C 231 -5.54 67.95 14.38
C GLU C 231 -6.13 68.91 13.37
N PHE C 232 -7.06 68.41 12.56
CA PHE C 232 -7.87 69.24 11.67
C PHE C 232 -9.34 68.93 11.92
N ASP C 233 -10.12 69.98 12.21
CA ASP C 233 -11.57 69.86 12.30
C ASP C 233 -12.13 70.09 10.91
N ALA C 234 -12.03 69.05 10.09
CA ALA C 234 -12.45 69.15 8.69
C ALA C 234 -13.94 69.46 8.58
N PHE C 235 -14.76 68.84 9.41
CA PHE C 235 -16.20 69.03 9.34
C PHE C 235 -16.79 69.03 10.74
N SER C 236 -17.84 69.85 10.91
CA SER C 236 -18.60 69.87 12.16
C SER C 236 -19.53 68.68 12.29
N GLY C 237 -19.75 67.93 11.21
CA GLY C 237 -20.61 66.77 11.27
C GLY C 237 -19.85 65.47 11.26
N SER C 238 -19.78 64.82 10.11
CA SER C 238 -19.10 63.54 9.99
C SER C 238 -18.07 63.61 8.88
N LEU C 239 -17.20 62.59 8.86
CA LEU C 239 -16.19 62.45 7.82
C LEU C 239 -16.58 61.29 6.91
N SER C 240 -16.57 61.55 5.61
CA SER C 240 -16.82 60.51 4.62
C SER C 240 -15.54 59.83 4.18
N ASP C 241 -14.52 60.61 3.81
CA ASP C 241 -13.26 60.05 3.37
C ASP C 241 -12.16 61.10 3.51
N PHE C 242 -10.93 60.62 3.55
CA PHE C 242 -9.77 61.49 3.51
C PHE C 242 -8.60 60.72 2.91
N ASP C 243 -7.70 61.46 2.26
CA ASP C 243 -6.55 60.86 1.62
C ASP C 243 -5.33 61.75 1.80
N VAL C 244 -4.16 61.13 1.77
CA VAL C 244 -2.89 61.78 2.02
C VAL C 244 -1.94 61.44 0.87
N HIS C 245 -1.33 62.47 0.30
CA HIS C 245 -0.34 62.25 -0.76
C HIS C 245 0.71 63.33 -0.70
N GLY C 246 1.97 62.92 -0.53
CA GLY C 246 3.09 63.84 -0.60
C GLY C 246 2.97 64.98 0.39
N ASN C 247 2.67 66.17 -0.12
CA ASN C 247 2.58 67.38 0.68
C ASN C 247 1.16 67.93 0.77
N LEU C 248 0.16 67.13 0.43
CA LEU C 248 -1.22 67.58 0.43
C LEU C 248 -2.12 66.51 1.03
N LEU C 249 -3.17 66.96 1.72
CA LEU C 249 -4.18 66.10 2.30
C LEU C 249 -5.55 66.61 1.88
N ALA C 250 -6.40 65.71 1.39
CA ALA C 250 -7.73 66.08 0.92
C ALA C 250 -8.80 65.32 1.69
N ALA C 251 -9.77 66.03 2.25
CA ALA C 251 -10.82 65.43 3.05
C ALA C 251 -12.19 65.87 2.55
N CYS C 252 -13.12 64.91 2.48
CA CYS C 252 -14.52 65.16 2.15
C CYS C 252 -15.39 64.49 3.18
N GLY C 253 -16.54 65.09 3.44
CA GLY C 253 -17.41 64.57 4.49
C GLY C 253 -18.69 65.36 4.59
N PHE C 254 -19.38 65.17 5.70
CA PHE C 254 -20.65 65.83 5.96
C PHE C 254 -20.47 66.89 7.04
N SER C 255 -21.16 68.01 6.87
CA SER C 255 -21.20 69.07 7.86
C SER C 255 -22.64 69.33 8.26
N SER C 256 -22.82 69.86 9.45
CA SER C 256 -24.15 70.12 9.99
C SER C 256 -24.50 71.59 9.77
N ARG C 257 -25.60 71.82 9.06
CA ARG C 257 -26.11 73.17 8.81
C ARG C 257 -27.50 73.30 9.42
N LEU C 258 -28.16 74.42 9.11
CA LEU C 258 -29.52 74.64 9.61
C LEU C 258 -30.49 73.59 9.10
N THR C 259 -30.20 73.01 7.93
CA THR C 259 -31.02 71.95 7.37
C THR C 259 -30.65 70.57 7.88
N GLY C 260 -29.58 70.46 8.66
CA GLY C 260 -29.16 69.19 9.20
C GLY C 260 -27.80 68.76 8.68
N LEU C 261 -27.47 67.48 8.85
CA LEU C 261 -26.20 66.97 8.36
C LEU C 261 -26.33 66.65 6.88
N ALA C 262 -25.47 67.28 6.07
CA ALA C 262 -25.48 67.04 4.63
C ALA C 262 -24.04 67.08 4.14
N CYS C 263 -23.82 66.46 2.98
CA CYS C 263 -22.47 66.38 2.44
C CYS C 263 -21.96 67.78 2.10
N ASP C 264 -20.67 68.00 2.36
CA ASP C 264 -20.02 69.27 2.11
C ASP C 264 -19.34 69.23 0.74
N ARG C 265 -19.71 70.14 -0.14
CA ARG C 265 -19.15 70.18 -1.48
C ARG C 265 -17.80 70.89 -1.55
N PHE C 266 -17.34 71.47 -0.45
CA PHE C 266 -16.05 72.14 -0.41
C PHE C 266 -15.05 71.18 0.20
N LEU C 267 -14.22 70.57 -0.64
CA LEU C 267 -13.19 69.68 -0.15
C LEU C 267 -12.23 70.45 0.75
N LYS C 268 -11.94 69.90 1.92
CA LYS C 268 -11.05 70.55 2.85
C LYS C 268 -9.64 70.06 2.49
N VAL C 269 -8.84 70.97 1.94
CA VAL C 269 -7.52 70.64 1.43
C VAL C 269 -6.49 71.33 2.32
N TYR C 270 -5.53 70.55 2.80
CA TYR C 270 -4.51 71.03 3.70
C TYR C 270 -3.15 70.80 3.07
N ASP C 271 -2.28 71.80 3.20
CA ASP C 271 -0.90 71.65 2.74
C ASP C 271 -0.06 71.10 3.88
N LEU C 272 0.50 69.91 3.68
CA LEU C 272 1.38 69.30 4.67
C LEU C 272 2.69 70.06 4.83
N ARG C 273 3.10 70.82 3.80
CA ARG C 273 4.34 71.58 3.87
C ARG C 273 4.26 72.68 4.90
N MET C 274 3.19 73.48 4.87
CA MET C 274 3.06 74.64 5.72
C MET C 274 2.02 74.47 6.82
N MET C 275 1.39 73.30 6.91
CA MET C 275 0.51 72.94 8.02
C MET C 275 -0.61 73.97 8.21
N ARG C 276 -1.45 74.05 7.19
CA ARG C 276 -2.63 74.91 7.27
C ARG C 276 -3.62 74.51 6.18
N ALA C 277 -4.89 74.78 6.44
CA ALA C 277 -5.90 74.60 5.42
C ALA C 277 -5.68 75.61 4.30
N ILE C 278 -5.91 75.16 3.07
CA ILE C 278 -5.84 76.07 1.93
C ILE C 278 -7.26 76.22 1.41
N THR C 279 -7.42 77.03 0.38
CA THR C 279 -8.76 77.34 -0.11
C THR C 279 -9.50 76.05 -0.47
N PRO C 280 -10.66 75.79 0.12
CA PRO C 280 -11.37 74.56 -0.18
C PRO C 280 -11.82 74.51 -1.64
N LEU C 281 -11.86 73.30 -2.18
CA LEU C 281 -12.20 73.09 -3.58
C LEU C 281 -13.69 72.77 -3.67
N GLN C 282 -14.46 73.71 -4.22
CA GLN C 282 -15.88 73.49 -4.40
C GLN C 282 -16.11 72.53 -5.55
N VAL C 283 -16.95 71.52 -5.31
CA VAL C 283 -17.23 70.49 -6.29
C VAL C 283 -18.70 70.55 -6.67
N HIS C 284 -19.02 69.88 -7.76
CA HIS C 284 -20.37 69.88 -8.32
C HIS C 284 -21.15 68.63 -7.93
N VAL C 285 -20.58 67.80 -7.05
CA VAL C 285 -21.18 66.54 -6.63
C VAL C 285 -21.19 66.51 -5.11
N ASP C 286 -21.64 65.39 -4.55
CA ASP C 286 -21.59 65.19 -3.10
C ASP C 286 -20.42 64.28 -2.77
N PRO C 287 -19.25 64.83 -2.46
CA PRO C 287 -18.06 64.01 -2.29
C PRO C 287 -18.11 63.15 -1.03
N ALA C 288 -18.26 61.85 -1.23
CA ALA C 288 -18.16 60.87 -0.16
C ALA C 288 -16.78 60.24 -0.08
N PHE C 289 -16.01 60.31 -1.15
CA PHE C 289 -14.68 59.73 -1.17
C PHE C 289 -13.71 60.62 -1.94
N LEU C 290 -12.47 60.67 -1.48
CA LEU C 290 -11.41 61.41 -2.17
C LEU C 290 -10.19 60.51 -2.28
N ARG C 291 -9.54 60.52 -3.43
CA ARG C 291 -8.33 59.73 -3.55
C ARG C 291 -7.32 60.36 -4.50
N PHE C 292 -6.08 60.54 -4.01
CA PHE C 292 -5.01 61.14 -4.79
C PHE C 292 -4.47 60.13 -5.80
N ILE C 293 -4.53 60.49 -7.08
CA ILE C 293 -3.99 59.69 -8.18
C ILE C 293 -2.74 60.43 -8.67
N PRO C 294 -1.55 59.95 -8.35
CA PRO C 294 -0.34 60.66 -8.79
C PRO C 294 0.19 60.22 -10.15
N THR C 295 -0.69 60.14 -11.16
CA THR C 295 -0.22 59.78 -12.50
C THR C 295 0.79 60.80 -13.02
N TYR C 296 0.37 62.05 -13.15
CA TYR C 296 1.27 63.13 -13.54
C TYR C 296 1.27 64.19 -12.45
N THR C 297 0.10 64.71 -12.13
CA THR C 297 -0.09 65.53 -10.94
C THR C 297 -0.89 64.73 -9.93
N SER C 298 -1.23 65.35 -8.79
CA SER C 298 -2.02 64.69 -7.76
C SER C 298 -3.51 64.85 -8.03
N ARG C 299 -3.97 64.23 -9.12
CA ARG C 299 -5.37 64.33 -9.47
C ARG C 299 -6.24 63.83 -8.33
N LEU C 300 -7.24 64.59 -7.95
CA LEU C 300 -8.08 64.21 -6.84
C LEU C 300 -9.34 63.59 -7.41
N ALA C 301 -9.43 62.27 -7.26
CA ALA C 301 -10.56 61.44 -7.66
C ALA C 301 -11.68 61.65 -6.65
N ILE C 302 -12.64 62.50 -7.01
CA ILE C 302 -13.75 62.83 -6.13
C ILE C 302 -14.89 61.87 -6.43
N ILE C 303 -15.39 61.18 -5.42
CA ILE C 303 -16.35 60.10 -5.60
C ILE C 303 -17.59 60.45 -4.81
N SER C 304 -18.75 60.44 -5.47
CA SER C 304 -20.02 60.61 -4.79
C SER C 304 -20.76 59.27 -4.75
N GLN C 305 -21.49 59.06 -3.66
CA GLN C 305 -22.27 57.85 -3.52
C GLN C 305 -23.36 57.75 -4.58
N SER C 306 -23.76 58.87 -5.18
CA SER C 306 -24.71 58.85 -6.27
C SER C 306 -24.10 58.33 -7.57
N GLY C 307 -22.78 58.19 -7.63
CA GLY C 307 -22.11 57.74 -8.82
C GLY C 307 -21.40 58.83 -9.61
N GLN C 308 -21.71 60.09 -9.33
CA GLN C 308 -21.04 61.18 -10.02
C GLN C 308 -19.65 61.38 -9.42
N CYS C 309 -18.62 61.20 -10.22
CA CYS C 309 -17.25 61.36 -9.77
C CYS C 309 -16.55 62.38 -10.67
N GLN C 310 -15.38 62.82 -10.23
CA GLN C 310 -14.75 63.97 -10.85
C GLN C 310 -13.24 63.88 -10.72
N PHE C 311 -12.55 64.49 -11.67
CA PHE C 311 -11.13 64.77 -11.54
C PHE C 311 -10.94 66.22 -11.11
N CYS C 312 -10.04 66.45 -10.16
CA CYS C 312 -9.74 67.84 -9.82
C CYS C 312 -8.27 68.00 -9.49
N GLU C 313 -7.84 69.26 -9.42
CA GLU C 313 -6.47 69.52 -9.00
C GLU C 313 -6.42 69.89 -7.53
N PRO C 314 -5.42 69.39 -6.80
CA PRO C 314 -5.36 69.68 -5.36
C PRO C 314 -5.19 71.15 -5.03
N THR C 315 -4.66 71.95 -5.96
CA THR C 315 -4.57 73.39 -5.79
C THR C 315 -5.15 74.16 -6.96
N GLY C 316 -5.64 73.48 -7.99
CA GLY C 316 -6.24 74.14 -9.13
C GLY C 316 -7.69 74.45 -8.89
N LEU C 317 -8.46 74.53 -9.99
CA LEU C 317 -9.88 74.85 -9.93
C LEU C 317 -10.70 73.68 -10.42
N ALA C 318 -11.83 73.44 -9.75
CA ALA C 318 -12.72 72.36 -10.18
C ALA C 318 -13.35 72.72 -11.51
N ASN C 319 -13.22 71.81 -12.47
CA ASN C 319 -13.79 72.00 -13.79
C ASN C 319 -14.93 71.02 -14.01
N PRO C 320 -16.13 71.49 -14.32
CA PRO C 320 -17.24 70.55 -14.57
C PRO C 320 -16.98 69.62 -15.74
N ALA C 321 -16.06 69.96 -16.64
CA ALA C 321 -15.72 69.05 -17.73
C ALA C 321 -14.99 67.81 -17.24
N ASP C 322 -14.47 67.85 -16.01
CA ASP C 322 -13.78 66.71 -15.41
C ASP C 322 -14.73 65.75 -14.72
N ILE C 323 -16.04 65.98 -14.83
CA ILE C 323 -17.05 65.17 -14.18
C ILE C 323 -17.41 63.99 -15.08
N PHE C 324 -17.33 62.79 -14.51
CA PHE C 324 -17.71 61.54 -15.16
C PHE C 324 -18.67 60.81 -14.24
N HIS C 325 -19.30 59.76 -14.78
CA HIS C 325 -20.36 59.06 -14.07
C HIS C 325 -20.03 57.58 -14.02
N VAL C 326 -20.00 57.01 -12.82
CA VAL C 326 -19.82 55.58 -12.63
C VAL C 326 -21.18 54.91 -12.70
N ASN C 327 -22.06 55.26 -11.76
CA ASN C 327 -23.43 54.74 -11.74
C ASN C 327 -24.36 55.83 -11.24
N PRO C 328 -24.60 56.86 -12.06
CA PRO C 328 -25.45 57.97 -11.60
C PRO C 328 -26.84 57.53 -11.18
N VAL C 329 -27.41 56.55 -11.88
CA VAL C 329 -28.76 56.07 -11.61
C VAL C 329 -28.68 54.64 -11.10
N GLY C 330 -29.35 54.37 -9.98
CA GLY C 330 -29.45 53.04 -9.44
C GLY C 330 -28.52 52.77 -8.28
N PRO C 331 -27.50 51.95 -8.52
CA PRO C 331 -26.59 51.54 -7.44
C PRO C 331 -25.86 52.70 -6.79
N LEU C 332 -25.66 52.59 -5.48
CA LEU C 332 -24.98 53.60 -4.69
C LEU C 332 -23.54 53.16 -4.46
N LEU C 333 -22.60 54.05 -4.77
CA LEU C 333 -21.18 53.74 -4.58
C LEU C 333 -20.88 53.57 -3.10
N MET C 334 -20.38 52.39 -2.73
CA MET C 334 -20.06 52.10 -1.34
C MET C 334 -18.57 51.97 -1.08
N THR C 335 -17.83 51.27 -1.94
CA THR C 335 -16.42 51.00 -1.72
C THR C 335 -15.65 51.39 -2.98
N PHE C 336 -14.41 51.83 -2.79
CA PHE C 336 -13.62 52.32 -3.92
C PHE C 336 -12.14 52.10 -3.64
N ASP C 337 -11.40 51.72 -4.67
CA ASP C 337 -9.95 51.65 -4.52
C ASP C 337 -9.26 51.88 -5.85
N VAL C 338 -7.98 52.27 -5.78
CA VAL C 338 -7.12 52.51 -6.93
C VAL C 338 -5.94 51.56 -6.88
N SER C 339 -5.54 51.03 -8.03
CA SER C 339 -4.36 50.19 -8.12
C SER C 339 -3.11 51.00 -7.80
N ALA C 340 -2.11 50.30 -7.24
CA ALA C 340 -0.84 50.96 -6.96
C ALA C 340 -0.16 51.45 -8.23
N SER C 341 -0.45 50.81 -9.36
CA SER C 341 0.06 51.27 -10.65
C SER C 341 -0.71 52.46 -11.19
N LYS C 342 -1.79 52.87 -10.51
CA LYS C 342 -2.64 53.97 -10.95
C LYS C 342 -3.26 53.71 -12.32
N GLN C 343 -3.42 52.42 -12.65
CA GLN C 343 -3.96 52.01 -13.93
C GLN C 343 -5.36 51.42 -13.83
N ALA C 344 -5.81 51.06 -12.64
CA ALA C 344 -7.10 50.41 -12.45
C ALA C 344 -7.86 51.04 -11.30
N LEU C 345 -9.17 51.13 -11.44
CA LEU C 345 -10.04 51.71 -10.43
C LEU C 345 -11.19 50.75 -10.19
N ALA C 346 -11.55 50.54 -8.93
CA ALA C 346 -12.61 49.61 -8.58
C ALA C 346 -13.64 50.34 -7.76
N PHE C 347 -14.91 50.19 -8.15
CA PHE C 347 -16.04 50.69 -7.38
C PHE C 347 -16.97 49.53 -7.06
N GLY C 348 -17.18 49.28 -5.78
CA GLY C 348 -18.21 48.36 -5.33
C GLY C 348 -19.44 49.15 -4.93
N ASP C 349 -20.58 48.75 -5.47
CA ASP C 349 -21.82 49.45 -5.23
C ASP C 349 -22.66 48.71 -4.20
N SER C 350 -23.91 49.15 -4.02
CA SER C 350 -24.80 48.58 -3.03
C SER C 350 -25.46 47.28 -3.49
N GLU C 351 -25.27 46.87 -4.74
CA GLU C 351 -25.84 45.63 -5.24
C GLU C 351 -24.86 44.48 -5.26
N GLY C 352 -23.65 44.69 -4.74
CA GLY C 352 -22.62 43.69 -4.85
C GLY C 352 -21.82 43.72 -6.13
N CYS C 353 -21.99 44.76 -6.95
CA CYS C 353 -21.32 44.85 -8.23
C CYS C 353 -20.03 45.66 -8.12
N VAL C 354 -18.98 45.16 -8.76
CA VAL C 354 -17.65 45.75 -8.73
C VAL C 354 -17.28 46.14 -10.16
N HIS C 355 -16.89 47.40 -10.33
CA HIS C 355 -16.66 48.00 -11.63
C HIS C 355 -15.21 48.44 -11.74
N LEU C 356 -14.54 48.06 -12.82
CA LEU C 356 -13.14 48.37 -13.04
C LEU C 356 -13.02 49.34 -14.20
N TRP C 357 -12.36 50.47 -13.96
CA TRP C 357 -12.00 51.40 -15.02
C TRP C 357 -10.49 51.43 -15.17
N THR C 358 -10.01 51.38 -16.40
CA THR C 358 -8.58 51.36 -16.65
C THR C 358 -8.23 52.38 -17.73
N ASP C 359 -7.11 53.07 -17.50
CA ASP C 359 -6.56 54.00 -18.47
C ASP C 359 -5.73 53.31 -19.54
N SER C 360 -5.57 51.99 -19.43
CA SER C 360 -4.87 51.18 -20.41
C SER C 360 -5.76 50.00 -20.79
N PRO C 361 -5.65 49.50 -22.03
CA PRO C 361 -6.49 48.37 -22.43
C PRO C 361 -6.20 47.09 -21.67
N GLU C 362 -4.92 46.78 -21.44
CA GLU C 362 -4.51 45.58 -20.71
C GLU C 362 -3.47 45.96 -19.67
N PRO C 363 -3.84 46.71 -18.65
CA PRO C 363 -2.85 47.15 -17.66
C PRO C 363 -2.41 46.00 -16.78
N SER C 364 -1.22 46.17 -16.21
CA SER C 364 -0.73 45.29 -15.16
C SER C 364 -1.09 45.93 -13.84
N PHE C 365 -1.87 45.21 -13.03
CA PHE C 365 -2.31 45.75 -11.75
C PHE C 365 -1.11 46.16 -10.90
N ASN C 366 -0.03 45.40 -10.98
CA ASN C 366 1.25 45.83 -10.44
C ASN C 366 2.32 45.65 -11.52
N PRO C 367 3.21 46.63 -11.68
CA PRO C 367 4.28 46.48 -12.68
C PRO C 367 5.17 45.27 -12.43
N TYR C 368 5.32 44.84 -11.19
CA TYR C 368 6.07 43.64 -10.82
C TYR C 368 5.07 42.68 -10.20
N SER C 369 4.40 41.88 -11.03
CA SER C 369 3.39 40.95 -10.59
C SER C 369 3.88 39.52 -10.80
N ARG C 370 3.90 38.73 -9.73
CA ARG C 370 4.36 37.36 -9.83
C ARG C 370 3.30 36.48 -10.49
N GLU C 371 3.73 35.29 -10.89
CA GLU C 371 2.85 34.33 -11.52
C GLU C 371 1.73 33.91 -10.57
N THR C 372 0.55 33.67 -11.13
CA THR C 372 -0.58 33.12 -10.39
C THR C 372 -0.87 31.73 -10.93
N GLU C 373 -0.79 30.73 -10.07
CA GLU C 373 -0.98 29.34 -10.48
C GLU C 373 -2.46 29.03 -10.62
N PHE C 374 -2.77 28.13 -11.56
CA PHE C 374 -4.13 27.65 -11.76
C PHE C 374 -4.17 26.15 -11.54
N ALA C 375 -5.30 25.67 -11.02
CA ALA C 375 -5.46 24.27 -10.69
C ALA C 375 -6.04 23.53 -11.89
N LEU C 376 -5.42 22.41 -12.24
CA LEU C 376 -5.92 21.61 -13.34
C LEU C 376 -7.21 20.90 -12.92
N PRO C 377 -8.17 20.79 -13.82
CA PRO C 377 -9.33 19.92 -13.56
C PRO C 377 -8.94 18.46 -13.62
N CYS C 378 -9.83 17.62 -13.08
CA CYS C 378 -9.58 16.18 -13.06
C CYS C 378 -9.48 15.64 -14.49
N LEU C 379 -8.44 14.83 -14.73
CA LEU C 379 -8.17 14.26 -16.04
C LEU C 379 -8.88 12.91 -16.13
N VAL C 380 -10.19 12.97 -16.37
CA VAL C 380 -11.02 11.76 -16.29
C VAL C 380 -10.71 10.80 -17.41
N ASP C 381 -10.62 11.30 -18.66
CA ASP C 381 -10.55 10.43 -19.82
C ASP C 381 -9.22 9.69 -19.95
N SER C 382 -8.17 10.15 -19.26
CA SER C 382 -6.85 9.56 -19.47
C SER C 382 -6.70 8.16 -18.87
N LEU C 383 -7.54 7.79 -17.92
CA LEU C 383 -7.35 6.50 -17.27
C LEU C 383 -8.04 5.38 -18.04
N PRO C 384 -7.48 4.17 -17.97
CA PRO C 384 -8.12 3.01 -18.64
C PRO C 384 -9.42 2.64 -17.98
N PRO C 385 -10.43 2.25 -18.75
CA PRO C 385 -11.71 1.87 -18.15
C PRO C 385 -11.65 0.52 -17.45
N LEU C 386 -12.28 0.44 -16.28
CA LEU C 386 -12.38 -0.79 -15.51
C LEU C 386 -13.84 -1.06 -15.19
N ASP C 387 -14.33 -2.24 -15.55
CA ASP C 387 -15.72 -2.60 -15.30
C ASP C 387 -15.92 -3.00 -13.85
N TRP C 388 -16.84 -2.31 -13.18
CA TRP C 388 -17.14 -2.63 -11.79
C TRP C 388 -17.71 -4.04 -11.66
N SER C 389 -18.59 -4.43 -12.58
CA SER C 389 -19.14 -5.78 -12.56
C SER C 389 -18.08 -6.83 -12.77
N GLN C 390 -16.95 -6.47 -13.37
CA GLN C 390 -15.83 -7.39 -13.55
C GLN C 390 -14.96 -7.33 -12.31
N ASP C 391 -15.07 -8.34 -11.46
CA ASP C 391 -14.35 -8.40 -10.20
C ASP C 391 -13.01 -9.11 -10.31
N LEU C 392 -12.60 -9.53 -11.51
CA LEU C 392 -11.38 -10.27 -11.70
C LEU C 392 -10.27 -9.47 -12.39
N LEU C 393 -10.60 -8.32 -12.97
CA LEU C 393 -9.61 -7.54 -13.67
C LEU C 393 -8.51 -7.08 -12.72
N PRO C 394 -7.26 -7.00 -13.17
CA PRO C 394 -6.19 -6.48 -12.32
C PRO C 394 -6.37 -4.99 -12.11
N LEU C 395 -6.60 -4.59 -10.85
CA LEU C 395 -6.89 -3.19 -10.56
C LEU C 395 -5.66 -2.30 -10.63
N SER C 396 -4.45 -2.87 -10.67
CA SER C 396 -3.24 -2.09 -10.60
C SER C 396 -2.88 -1.38 -11.90
N LEU C 397 -3.73 -1.49 -12.92
CA LEU C 397 -3.49 -0.79 -14.18
C LEU C 397 -3.44 0.72 -14.02
N ILE C 398 -3.98 1.26 -12.94
CA ILE C 398 -3.98 2.71 -12.71
C ILE C 398 -2.58 3.12 -12.26
N PRO C 399 -2.02 4.20 -12.84
CA PRO C 399 -0.68 4.64 -12.43
C PRO C 399 -0.62 5.00 -10.96
N VAL C 400 0.47 4.62 -10.32
CA VAL C 400 0.65 4.92 -8.90
C VAL C 400 2.03 5.52 -8.67
N PRO C 401 2.13 6.83 -8.54
CA PRO C 401 3.38 7.44 -8.08
C PRO C 401 3.68 7.03 -6.66
N LEU C 402 4.98 6.97 -6.35
CA LEU C 402 5.45 6.48 -5.06
C LEU C 402 6.05 7.61 -4.25
N THR C 403 5.84 7.55 -2.94
CA THR C 403 6.49 8.45 -2.01
C THR C 403 7.04 7.64 -0.85
N THR C 404 8.18 8.09 -0.32
CA THR C 404 8.90 7.33 0.69
C THR C 404 8.34 7.52 2.09
N ASP C 405 7.66 8.63 2.35
CA ASP C 405 7.20 8.94 3.69
C ASP C 405 6.24 7.85 4.19
N THR C 406 6.08 7.80 5.51
CA THR C 406 5.16 6.85 6.11
C THR C 406 3.77 7.01 5.51
N LEU C 407 3.09 5.88 5.35
CA LEU C 407 1.77 5.93 4.76
C LEU C 407 0.86 6.77 5.64
N LEU C 408 0.00 7.54 4.98
CA LEU C 408 -0.76 8.58 5.67
C LEU C 408 -1.59 8.01 6.81
N SER C 409 -2.22 6.87 6.59
CA SER C 409 -3.30 6.40 7.43
C SER C 409 -2.95 5.19 8.29
N ASP C 410 -1.66 4.86 8.41
CA ASP C 410 -1.22 3.66 9.13
C ASP C 410 -1.83 3.58 10.52
N TRP C 411 -2.12 2.35 10.97
CA TRP C 411 -2.91 2.07 12.16
C TRP C 411 -2.04 1.59 13.32
N PRO C 412 -2.43 1.94 14.55
CA PRO C 412 -1.70 1.44 15.71
C PRO C 412 -1.89 -0.05 15.88
N ALA C 413 -0.94 -0.64 16.62
CA ALA C 413 -0.99 -2.09 16.87
C ALA C 413 -2.27 -2.48 17.59
N ALA C 414 -2.70 -1.67 18.56
CA ALA C 414 -3.89 -2.01 19.32
C ALA C 414 -5.14 -2.02 18.45
N ASN C 415 -5.25 -1.06 17.52
CA ASN C 415 -6.40 -0.98 16.64
C ASN C 415 -6.21 -1.73 15.33
N SER C 416 -5.11 -2.48 15.19
CA SER C 416 -4.85 -3.24 13.99
C SER C 416 -5.08 -4.73 14.16
N ALA C 417 -5.53 -5.19 15.33
CA ALA C 417 -5.63 -6.62 15.61
C ALA C 417 -7.01 -7.15 15.25
N PRO C 418 -7.13 -8.10 14.34
CA PRO C 418 -8.43 -8.74 14.08
C PRO C 418 -8.79 -9.73 15.18
N ALA C 419 -10.06 -10.13 15.18
CA ALA C 419 -10.60 -11.04 16.19
C ALA C 419 -11.93 -11.59 15.68
N PRO C 420 -12.42 -12.67 16.26
CA PRO C 420 -13.79 -13.12 15.93
C PRO C 420 -14.82 -12.16 16.48
N ARG C 421 -15.82 -11.85 15.65
CA ARG C 421 -16.87 -10.90 16.02
C ARG C 421 -18.25 -11.43 15.60
N ARG C 422 -18.52 -12.69 15.96
CA ARG C 422 -19.82 -13.30 15.70
C ARG C 422 -20.95 -12.50 16.33
N ALA C 423 -21.91 -12.08 15.50
CA ALA C 423 -23.02 -11.29 16.00
C ALA C 423 -23.93 -12.13 16.90
N PRO C 424 -24.45 -11.56 17.98
CA PRO C 424 -25.33 -12.32 18.88
C PRO C 424 -26.70 -12.52 18.26
N PRO C 425 -27.48 -13.48 18.75
CA PRO C 425 -28.83 -13.68 18.22
C PRO C 425 -29.79 -12.59 18.69
N VAL C 426 -30.97 -12.58 18.07
CA VAL C 426 -32.01 -11.61 18.43
C VAL C 426 -32.52 -11.91 19.83
N ASP C 427 -32.85 -10.85 20.57
CA ASP C 427 -33.53 -11.01 21.84
C ASP C 427 -34.90 -11.63 21.63
N ALA C 428 -35.31 -12.50 22.56
CA ALA C 428 -36.62 -13.13 22.47
C ALA C 428 -37.73 -12.07 22.48
N GLU C 429 -37.54 -10.99 23.24
CA GLU C 429 -38.52 -9.93 23.28
C GLU C 429 -38.71 -9.33 21.89
N ILE C 430 -37.60 -9.05 21.21
CA ILE C 430 -37.65 -8.46 19.88
C ILE C 430 -38.28 -9.45 18.90
N LEU C 431 -37.93 -10.74 19.02
CA LEU C 431 -38.51 -11.75 18.13
C LEU C 431 -40.03 -11.82 18.28
N ARG C 432 -40.52 -11.77 19.52
CA ARG C 432 -41.97 -11.81 19.72
C ARG C 432 -42.64 -10.55 19.20
N THR C 433 -42.06 -9.38 19.48
CA THR C 433 -42.74 -8.12 19.18
C THR C 433 -42.45 -7.63 17.76
N MET C 434 -41.61 -8.34 17.03
CA MET C 434 -41.23 -7.94 15.68
C MET C 434 -42.36 -8.32 14.73
N LYS C 435 -42.91 -7.31 14.07
CA LYS C 435 -43.94 -7.52 13.06
C LYS C 435 -43.33 -7.26 11.70
N LYS C 436 -43.58 -8.17 10.76
CA LYS C 436 -43.02 -8.06 9.42
C LYS C 436 -43.92 -7.19 8.57
N VAL C 437 -43.33 -6.17 7.94
CA VAL C 437 -44.03 -5.29 7.01
C VAL C 437 -43.24 -5.32 5.70
N GLY C 438 -43.71 -6.10 4.73
CA GLY C 438 -42.96 -6.28 3.52
C GLY C 438 -41.65 -6.98 3.78
N PHE C 439 -40.54 -6.24 3.73
CA PHE C 439 -39.23 -6.79 4.02
C PHE C 439 -38.60 -6.14 5.25
N ILE C 440 -39.25 -5.16 5.86
CA ILE C 440 -38.70 -4.44 6.99
C ILE C 440 -39.17 -5.13 8.27
N GLY C 441 -38.32 -5.08 9.29
CA GLY C 441 -38.68 -5.52 10.62
C GLY C 441 -39.04 -4.31 11.45
N TYR C 442 -40.29 -4.25 11.86
CA TYR C 442 -40.80 -3.13 12.67
C TYR C 442 -40.95 -3.62 14.11
N ALA C 443 -40.00 -3.23 14.96
CA ALA C 443 -40.02 -3.61 16.36
C ALA C 443 -39.59 -2.39 17.18
N PRO C 444 -40.35 -2.02 18.21
CA PRO C 444 -39.96 -0.89 19.05
C PRO C 444 -38.61 -1.14 19.72
N ASN C 445 -37.85 -0.06 19.89
CA ASN C 445 -36.55 -0.17 20.52
C ASN C 445 -36.68 -0.69 21.95
N PRO C 446 -35.97 -1.75 22.31
CA PRO C 446 -36.03 -2.24 23.70
C PRO C 446 -35.50 -1.24 24.72
N ARG C 447 -34.67 -0.29 24.29
CA ARG C 447 -34.12 0.75 25.17
C ARG C 447 -33.27 0.15 26.29
N THR C 448 -32.68 -1.01 26.04
CA THR C 448 -31.76 -1.64 26.99
C THR C 448 -30.33 -1.58 26.50
N ARG C 449 -30.05 -0.83 25.44
CA ARG C 449 -28.71 -0.69 24.88
C ARG C 449 -28.50 0.74 24.47
N LEU C 450 -27.27 1.05 24.04
CA LEU C 450 -26.97 2.36 23.51
C LEU C 450 -27.09 2.35 21.99
N ARG C 451 -27.18 3.55 21.42
CA ARG C 451 -27.23 3.67 19.97
C ARG C 451 -25.93 3.14 19.37
N ASN C 452 -26.05 2.06 18.59
CA ASN C 452 -24.89 1.38 18.03
C ASN C 452 -23.88 1.02 19.12
N GLN C 453 -24.39 0.56 20.25
CA GLN C 453 -23.52 0.03 21.29
C GLN C 453 -22.83 -1.22 20.75
N ILE C 454 -21.64 -1.50 21.30
CA ILE C 454 -20.82 -2.58 20.79
C ILE C 454 -21.56 -3.90 21.01
N PRO C 455 -21.85 -4.66 19.96
CA PRO C 455 -22.49 -5.97 20.15
C PRO C 455 -21.54 -7.04 20.68
N TYR C 456 -20.26 -6.72 20.80
CA TYR C 456 -19.25 -7.67 21.26
C TYR C 456 -18.83 -7.36 22.69
N ARG C 457 -18.63 -8.41 23.48
CA ARG C 457 -18.12 -8.30 24.85
C ARG C 457 -16.61 -8.15 24.79
N LEU C 458 -16.12 -6.93 25.00
CA LEU C 458 -14.70 -6.67 24.89
C LEU C 458 -13.94 -7.40 26.00
N LYS C 459 -12.89 -8.11 25.60
CA LYS C 459 -12.04 -8.78 26.58
C LYS C 459 -11.22 -7.76 27.36
N GLU C 460 -11.06 -8.01 28.65
CA GLU C 460 -10.23 -7.15 29.49
C GLU C 460 -8.76 -7.32 29.14
#